data_2RQT
#
_entry.id   2RQT
#
_entity_poly.entity_id   1
_entity_poly.type   'polypeptide(L)'
_entity_poly.pdbx_seq_one_letter_code
;VRRVKTIYDCQADNDDELTFIEGEVIIVTGEEDQEWWIGHIEGQPERKGVFPVSFVHILSD
;
_entity_poly.pdbx_strand_id   A
#
# COMPACT_ATOMS: atom_id res chain seq x y z
N VAL A 1 6.04 11.60 1.10
CA VAL A 1 5.68 10.47 0.22
C VAL A 1 6.70 9.34 0.31
N ARG A 2 6.60 8.57 1.38
CA ARG A 2 7.47 7.42 1.56
C ARG A 2 6.99 6.25 0.71
N ARG A 3 7.85 5.26 0.52
CA ARG A 3 7.53 4.12 -0.31
C ARG A 3 7.55 2.82 0.48
N VAL A 4 6.68 1.90 0.12
CA VAL A 4 6.66 0.59 0.75
C VAL A 4 6.67 -0.51 -0.30
N LYS A 5 7.27 -1.64 0.04
CA LYS A 5 7.40 -2.77 -0.87
C LYS A 5 6.66 -3.96 -0.30
N THR A 6 5.49 -4.23 -0.84
CA THR A 6 4.61 -5.28 -0.32
C THR A 6 5.34 -6.62 -0.21
N ILE A 7 5.37 -7.17 0.99
CA ILE A 7 6.01 -8.44 1.24
C ILE A 7 4.98 -9.54 1.45
N TYR A 8 3.71 -9.14 1.45
CA TYR A 8 2.59 -10.07 1.56
C TYR A 8 1.50 -9.65 0.60
N ASP A 9 0.76 -10.61 0.08
CA ASP A 9 -0.34 -10.32 -0.83
C ASP A 9 -1.57 -9.89 -0.04
N CYS A 10 -2.23 -8.86 -0.53
CA CYS A 10 -3.45 -8.38 0.11
C CYS A 10 -4.60 -8.37 -0.90
N GLN A 11 -5.47 -9.35 -0.78
CA GLN A 11 -6.62 -9.46 -1.66
C GLN A 11 -7.80 -8.70 -1.07
N ALA A 12 -7.89 -7.43 -1.45
CA ALA A 12 -8.95 -6.55 -0.98
C ALA A 12 -10.32 -7.03 -1.44
N ASP A 13 -11.34 -6.71 -0.65
CA ASP A 13 -12.71 -7.07 -1.02
C ASP A 13 -13.53 -5.82 -1.24
N ASN A 14 -13.22 -4.78 -0.48
CA ASN A 14 -13.85 -3.48 -0.63
C ASN A 14 -13.02 -2.63 -1.57
N ASP A 15 -13.67 -1.73 -2.28
CA ASP A 15 -13.01 -0.89 -3.27
C ASP A 15 -12.21 0.22 -2.57
N ASP A 16 -12.47 0.37 -1.27
CA ASP A 16 -11.72 1.32 -0.46
C ASP A 16 -10.37 0.72 -0.08
N GLU A 17 -10.34 -0.60 -0.03
CA GLU A 17 -9.10 -1.33 0.24
C GLU A 17 -8.28 -1.44 -1.03
N LEU A 18 -6.97 -1.53 -0.90
CA LEU A 18 -6.12 -1.70 -2.06
C LEU A 18 -5.80 -3.17 -2.28
N THR A 19 -5.79 -3.57 -3.53
CA THR A 19 -5.47 -4.94 -3.89
C THR A 19 -4.07 -5.01 -4.50
N PHE A 20 -3.20 -5.79 -3.90
CA PHE A 20 -1.83 -5.91 -4.36
C PHE A 20 -1.27 -7.28 -4.00
N ILE A 21 -0.15 -7.63 -4.62
CA ILE A 21 0.54 -8.87 -4.30
C ILE A 21 1.97 -8.57 -3.90
N GLU A 22 2.67 -9.59 -3.43
CA GLU A 22 4.05 -9.45 -2.98
C GLU A 22 4.94 -8.91 -4.10
N GLY A 23 5.48 -7.73 -3.89
CA GLY A 23 6.41 -7.16 -4.85
C GLY A 23 5.94 -5.84 -5.42
N GLU A 24 4.74 -5.42 -5.03
CA GLU A 24 4.18 -4.17 -5.50
C GLU A 24 4.78 -3.00 -4.73
N VAL A 25 5.09 -1.93 -5.45
CA VAL A 25 5.56 -0.73 -4.81
C VAL A 25 4.38 0.16 -4.51
N ILE A 26 4.28 0.65 -3.29
CA ILE A 26 3.22 1.57 -2.94
C ILE A 26 3.80 2.85 -2.39
N ILE A 27 3.34 3.97 -2.91
CA ILE A 27 3.74 5.25 -2.39
C ILE A 27 2.72 5.73 -1.36
N VAL A 28 3.18 5.85 -0.13
CA VAL A 28 2.34 6.28 0.98
C VAL A 28 1.96 7.74 0.80
N THR A 29 0.67 7.99 0.66
CA THR A 29 0.18 9.33 0.41
C THR A 29 -0.61 9.86 1.62
N GLY A 30 -0.94 8.96 2.53
CA GLY A 30 -1.65 9.35 3.74
C GLY A 30 -1.63 8.26 4.80
N GLU A 31 -2.18 8.54 5.97
CA GLU A 31 -2.21 7.58 7.06
C GLU A 31 -3.58 7.56 7.73
N GLU A 32 -4.08 6.36 8.01
CA GLU A 32 -5.34 6.19 8.71
C GLU A 32 -5.11 5.65 10.11
N ASP A 33 -4.34 4.58 10.17
CA ASP A 33 -4.07 3.89 11.42
C ASP A 33 -2.63 3.38 11.42
N GLN A 34 -2.21 2.71 12.48
CA GLN A 34 -0.84 2.21 12.58
C GLN A 34 -0.62 1.09 11.57
N GLU A 35 -1.69 0.34 11.30
CA GLU A 35 -1.59 -0.79 10.40
C GLU A 35 -2.27 -0.49 9.08
N TRP A 36 -2.74 0.73 8.94
CA TRP A 36 -3.55 1.09 7.79
C TRP A 36 -3.17 2.46 7.28
N TRP A 37 -2.45 2.48 6.18
CA TRP A 37 -2.06 3.72 5.56
C TRP A 37 -2.77 3.88 4.24
N ILE A 38 -2.70 5.07 3.69
CA ILE A 38 -3.33 5.37 2.42
C ILE A 38 -2.25 5.66 1.40
N GLY A 39 -2.38 5.08 0.23
CA GLY A 39 -1.38 5.26 -0.78
C GLY A 39 -1.80 4.66 -2.10
N HIS A 40 -0.88 4.68 -3.04
CA HIS A 40 -1.16 4.23 -4.39
C HIS A 40 -0.04 3.33 -4.89
N ILE A 41 -0.38 2.42 -5.78
CA ILE A 41 0.61 1.59 -6.43
C ILE A 41 1.51 2.44 -7.31
N GLU A 42 2.79 2.40 -7.04
CA GLU A 42 3.76 3.11 -7.84
C GLU A 42 3.83 2.47 -9.23
N GLY A 43 3.70 3.29 -10.26
CA GLY A 43 3.64 2.79 -11.61
C GLY A 43 2.22 2.60 -12.09
N GLN A 44 1.27 2.64 -11.16
CA GLN A 44 -0.15 2.58 -11.50
C GLN A 44 -0.96 3.27 -10.40
N PRO A 45 -0.98 4.61 -10.42
CA PRO A 45 -1.53 5.42 -9.33
C PRO A 45 -3.05 5.35 -9.22
N GLU A 46 -3.67 4.62 -10.14
CA GLU A 46 -5.12 4.44 -10.10
C GLU A 46 -5.48 3.32 -9.14
N ARG A 47 -4.48 2.56 -8.74
CA ARG A 47 -4.64 1.59 -7.68
C ARG A 47 -4.28 2.23 -6.35
N LYS A 48 -5.26 2.77 -5.65
CA LYS A 48 -4.98 3.41 -4.38
C LYS A 48 -6.13 3.29 -3.38
N GLY A 49 -5.80 3.51 -2.12
CA GLY A 49 -6.76 3.36 -1.05
C GLY A 49 -6.04 3.07 0.25
N VAL A 50 -6.66 2.24 1.09
CA VAL A 50 -6.02 1.83 2.34
C VAL A 50 -5.29 0.51 2.16
N PHE A 51 -4.13 0.38 2.79
CA PHE A 51 -3.37 -0.85 2.74
C PHE A 51 -2.70 -1.13 4.08
N PRO A 52 -2.69 -2.41 4.48
CA PRO A 52 -2.11 -2.82 5.76
C PRO A 52 -0.58 -2.68 5.77
N VAL A 53 -0.08 -1.99 6.78
CA VAL A 53 1.34 -1.69 6.90
C VAL A 53 2.15 -2.94 7.25
N SER A 54 1.50 -3.87 7.94
CA SER A 54 2.15 -5.11 8.33
C SER A 54 2.29 -6.06 7.15
N PHE A 55 1.91 -5.60 5.96
CA PHE A 55 2.02 -6.41 4.75
C PHE A 55 3.05 -5.82 3.79
N VAL A 56 3.66 -4.70 4.18
CA VAL A 56 4.59 -4.00 3.30
C VAL A 56 5.95 -3.81 3.96
N HIS A 57 6.98 -3.66 3.14
CA HIS A 57 8.33 -3.41 3.63
C HIS A 57 8.69 -1.96 3.32
N ILE A 58 8.70 -1.12 4.34
CA ILE A 58 8.83 0.31 4.15
C ILE A 58 10.26 0.71 3.84
N LEU A 59 10.39 1.57 2.83
CA LEU A 59 11.66 2.17 2.49
C LEU A 59 11.56 3.67 2.73
N SER A 60 12.50 4.22 3.46
CA SER A 60 12.56 5.66 3.65
C SER A 60 13.20 6.33 2.44
N ASP A 61 12.75 5.88 1.27
CA ASP A 61 13.29 6.30 -0.01
C ASP A 61 12.89 7.72 -0.34
N VAL A 1 10.31 10.54 -0.34
CA VAL A 1 8.91 10.21 -0.02
C VAL A 1 8.82 8.79 0.51
N ARG A 2 7.91 8.56 1.45
CA ARG A 2 7.76 7.27 2.08
C ARG A 2 7.13 6.27 1.12
N ARG A 3 7.92 5.31 0.68
CA ARG A 3 7.44 4.26 -0.20
C ARG A 3 7.53 2.94 0.54
N VAL A 4 6.67 2.02 0.18
CA VAL A 4 6.67 0.69 0.75
C VAL A 4 6.68 -0.34 -0.38
N LYS A 5 7.20 -1.51 -0.09
CA LYS A 5 7.27 -2.58 -1.06
C LYS A 5 6.67 -3.83 -0.44
N THR A 6 5.55 -4.25 -1.01
CA THR A 6 4.73 -5.29 -0.44
C THR A 6 5.47 -6.61 -0.30
N ILE A 7 5.35 -7.23 0.87
CA ILE A 7 6.00 -8.50 1.16
C ILE A 7 4.97 -9.61 1.31
N TYR A 8 3.71 -9.22 1.38
CA TYR A 8 2.61 -10.18 1.53
C TYR A 8 1.48 -9.87 0.55
N ASP A 9 0.73 -10.89 0.17
CA ASP A 9 -0.47 -10.72 -0.66
C ASP A 9 -1.61 -10.11 0.15
N CYS A 10 -2.21 -9.07 -0.39
CA CYS A 10 -3.33 -8.41 0.24
C CYS A 10 -4.57 -8.47 -0.66
N GLN A 11 -5.56 -9.21 -0.22
CA GLN A 11 -6.82 -9.32 -0.94
C GLN A 11 -7.84 -8.36 -0.35
N ALA A 12 -7.96 -7.20 -0.95
CA ALA A 12 -8.91 -6.20 -0.50
C ALA A 12 -10.35 -6.65 -0.73
N ASP A 13 -11.24 -6.28 0.17
CA ASP A 13 -12.64 -6.60 0.04
C ASP A 13 -13.45 -5.33 -0.20
N ASN A 14 -13.00 -4.25 0.41
CA ASN A 14 -13.59 -2.94 0.17
C ASN A 14 -12.82 -2.25 -0.95
N ASP A 15 -13.54 -1.55 -1.82
CA ASP A 15 -12.93 -0.92 -2.99
C ASP A 15 -12.05 0.27 -2.60
N ASP A 16 -12.17 0.68 -1.34
CA ASP A 16 -11.30 1.74 -0.81
C ASP A 16 -10.03 1.13 -0.22
N GLU A 17 -9.97 -0.19 -0.20
CA GLU A 17 -8.77 -0.90 0.21
C GLU A 17 -7.95 -1.24 -1.02
N LEU A 18 -6.64 -1.36 -0.85
CA LEU A 18 -5.80 -1.68 -1.98
C LEU A 18 -5.51 -3.16 -2.06
N THR A 19 -5.56 -3.68 -3.28
CA THR A 19 -5.28 -5.07 -3.55
C THR A 19 -3.92 -5.17 -4.21
N PHE A 20 -3.03 -5.94 -3.61
CA PHE A 20 -1.67 -6.07 -4.11
C PHE A 20 -1.10 -7.43 -3.74
N ILE A 21 -0.06 -7.85 -4.46
CA ILE A 21 0.64 -9.07 -4.11
C ILE A 21 2.11 -8.75 -3.83
N GLU A 22 2.82 -9.72 -3.27
CA GLU A 22 4.21 -9.53 -2.90
C GLU A 22 5.03 -9.07 -4.10
N GLY A 23 5.58 -7.87 -4.01
CA GLY A 23 6.45 -7.37 -5.05
C GLY A 23 5.93 -6.11 -5.71
N GLU A 24 4.82 -5.58 -5.22
CA GLU A 24 4.29 -4.34 -5.74
C GLU A 24 4.75 -3.16 -4.88
N VAL A 25 5.16 -2.08 -5.53
CA VAL A 25 5.60 -0.88 -4.84
C VAL A 25 4.42 0.04 -4.59
N ILE A 26 4.35 0.59 -3.39
CA ILE A 26 3.28 1.50 -3.03
C ILE A 26 3.86 2.80 -2.50
N ILE A 27 3.32 3.92 -2.91
CA ILE A 27 3.74 5.20 -2.38
C ILE A 27 2.75 5.67 -1.33
N VAL A 28 3.24 5.87 -0.12
CA VAL A 28 2.43 6.32 0.99
C VAL A 28 2.01 7.77 0.79
N THR A 29 0.71 7.99 0.60
CA THR A 29 0.19 9.31 0.33
C THR A 29 -0.61 9.84 1.53
N GLY A 30 -0.96 8.94 2.44
CA GLY A 30 -1.71 9.33 3.62
C GLY A 30 -1.70 8.24 4.68
N GLU A 31 -2.34 8.49 5.81
CA GLU A 31 -2.39 7.53 6.91
C GLU A 31 -3.75 7.55 7.58
N GLU A 32 -4.22 6.37 7.97
CA GLU A 32 -5.49 6.23 8.69
C GLU A 32 -5.23 5.83 10.13
N ASP A 33 -4.50 4.74 10.27
CA ASP A 33 -4.22 4.16 11.58
C ASP A 33 -2.76 3.75 11.65
N GLN A 34 -2.35 3.08 12.71
CA GLN A 34 -0.97 2.67 12.90
C GLN A 34 -0.66 1.48 11.99
N GLU A 35 -1.69 0.75 11.61
CA GLU A 35 -1.52 -0.45 10.82
C GLU A 35 -2.30 -0.34 9.50
N TRP A 36 -2.74 0.88 9.20
CA TRP A 36 -3.53 1.15 8.02
C TRP A 36 -3.13 2.49 7.41
N TRP A 37 -2.43 2.44 6.29
CA TRP A 37 -1.99 3.64 5.62
C TRP A 37 -2.71 3.81 4.29
N ILE A 38 -2.60 4.98 3.72
CA ILE A 38 -3.22 5.31 2.44
C ILE A 38 -2.14 5.61 1.43
N GLY A 39 -2.30 5.09 0.24
CA GLY A 39 -1.34 5.32 -0.79
C GLY A 39 -1.78 4.82 -2.13
N HIS A 40 -0.85 4.66 -3.04
CA HIS A 40 -1.15 4.21 -4.38
C HIS A 40 -0.03 3.31 -4.89
N ILE A 41 -0.39 2.37 -5.74
CA ILE A 41 0.61 1.53 -6.39
C ILE A 41 1.50 2.41 -7.27
N GLU A 42 2.80 2.32 -7.06
CA GLU A 42 3.76 3.07 -7.83
C GLU A 42 3.74 2.61 -9.29
N GLY A 43 3.47 3.56 -10.18
CA GLY A 43 3.34 3.23 -11.58
C GLY A 43 1.89 3.06 -11.98
N GLN A 44 1.07 2.58 -11.06
CA GLN A 44 -0.36 2.41 -11.31
C GLN A 44 -1.16 3.29 -10.35
N PRO A 45 -1.31 4.59 -10.67
CA PRO A 45 -1.94 5.56 -9.77
C PRO A 45 -3.47 5.41 -9.72
N GLU A 46 -4.01 4.45 -10.46
CA GLU A 46 -5.44 4.16 -10.39
C GLU A 46 -5.70 3.16 -9.26
N ARG A 47 -4.63 2.56 -8.77
CA ARG A 47 -4.71 1.64 -7.65
C ARG A 47 -4.33 2.36 -6.36
N LYS A 48 -5.30 2.95 -5.68
CA LYS A 48 -5.02 3.62 -4.41
C LYS A 48 -5.99 3.19 -3.35
N GLY A 49 -5.68 3.51 -2.10
CA GLY A 49 -6.57 3.22 -1.02
C GLY A 49 -5.81 2.89 0.25
N VAL A 50 -6.49 2.24 1.18
CA VAL A 50 -5.87 1.85 2.44
C VAL A 50 -5.19 0.49 2.29
N PHE A 51 -4.02 0.37 2.89
CA PHE A 51 -3.28 -0.88 2.86
C PHE A 51 -2.68 -1.17 4.23
N PRO A 52 -2.82 -2.43 4.69
CA PRO A 52 -2.28 -2.86 5.97
C PRO A 52 -0.75 -2.78 6.00
N VAL A 53 -0.25 -2.01 6.96
CA VAL A 53 1.19 -1.77 7.08
C VAL A 53 1.95 -3.07 7.35
N SER A 54 1.25 -4.04 7.92
CA SER A 54 1.86 -5.32 8.28
C SER A 54 2.22 -6.14 7.03
N PHE A 55 1.76 -5.68 5.86
CA PHE A 55 1.97 -6.41 4.62
C PHE A 55 3.00 -5.73 3.73
N VAL A 56 3.57 -4.62 4.19
CA VAL A 56 4.46 -3.84 3.34
C VAL A 56 5.81 -3.61 4.01
N HIS A 57 6.86 -3.55 3.18
CA HIS A 57 8.22 -3.31 3.64
C HIS A 57 8.64 -1.90 3.27
N ILE A 58 8.85 -1.05 4.25
CA ILE A 58 9.03 0.38 4.01
C ILE A 58 10.45 0.73 3.58
N LEU A 59 10.54 1.61 2.60
CA LEU A 59 11.81 2.09 2.07
C LEU A 59 12.05 3.51 2.54
N SER A 60 11.04 4.36 2.31
CA SER A 60 11.17 5.80 2.56
C SER A 60 12.36 6.36 1.77
N ASP A 61 12.52 5.83 0.56
CA ASP A 61 13.60 6.23 -0.32
C ASP A 61 13.07 6.26 -1.74
N VAL A 1 11.00 10.69 0.69
CA VAL A 1 9.63 10.19 0.42
C VAL A 1 9.39 8.89 1.16
N ARG A 2 8.13 8.59 1.44
CA ARG A 2 7.78 7.37 2.16
C ARG A 2 7.10 6.40 1.20
N ARG A 3 7.77 5.30 0.89
CA ARG A 3 7.21 4.29 0.04
C ARG A 3 7.19 2.98 0.80
N VAL A 4 6.47 2.02 0.28
CA VAL A 4 6.42 0.70 0.88
C VAL A 4 6.44 -0.34 -0.24
N LYS A 5 6.79 -1.57 0.11
CA LYS A 5 6.84 -2.65 -0.85
C LYS A 5 6.13 -3.84 -0.29
N THR A 6 5.08 -4.23 -0.97
CA THR A 6 4.19 -5.28 -0.50
C THR A 6 4.92 -6.62 -0.42
N ILE A 7 4.76 -7.30 0.70
CA ILE A 7 5.39 -8.59 0.90
C ILE A 7 4.34 -9.69 1.03
N TYR A 8 3.09 -9.27 1.19
CA TYR A 8 1.97 -10.21 1.29
C TYR A 8 0.83 -9.76 0.39
N ASP A 9 0.16 -10.74 -0.22
CA ASP A 9 -0.99 -10.47 -1.07
C ASP A 9 -2.13 -9.84 -0.27
N CYS A 10 -2.71 -8.78 -0.80
CA CYS A 10 -3.83 -8.12 -0.17
C CYS A 10 -4.99 -8.01 -1.14
N GLN A 11 -6.09 -8.68 -0.79
CA GLN A 11 -7.27 -8.66 -1.60
C GLN A 11 -8.36 -7.85 -0.95
N ALA A 12 -8.66 -6.73 -1.58
CA ALA A 12 -9.66 -5.80 -1.07
C ALA A 12 -11.04 -6.43 -0.99
N ASP A 13 -11.63 -6.38 0.18
CA ASP A 13 -12.97 -6.89 0.40
C ASP A 13 -13.94 -5.70 0.35
N ASN A 14 -13.42 -4.53 0.65
CA ASN A 14 -14.19 -3.31 0.61
C ASN A 14 -13.78 -2.47 -0.60
N ASP A 15 -14.40 -1.32 -0.78
CA ASP A 15 -14.15 -0.48 -1.94
C ASP A 15 -12.83 0.26 -1.83
N ASP A 16 -12.54 0.80 -0.65
CA ASP A 16 -11.41 1.72 -0.50
C ASP A 16 -10.13 0.98 -0.10
N GLU A 17 -10.22 -0.33 0.02
CA GLU A 17 -9.05 -1.15 0.28
C GLU A 17 -8.30 -1.36 -1.02
N LEU A 18 -6.98 -1.30 -0.96
CA LEU A 18 -6.20 -1.48 -2.16
C LEU A 18 -5.90 -2.96 -2.39
N THR A 19 -5.96 -3.35 -3.64
CA THR A 19 -5.63 -4.70 -4.04
C THR A 19 -4.23 -4.72 -4.63
N PHE A 20 -3.38 -5.58 -4.11
CA PHE A 20 -2.01 -5.68 -4.57
C PHE A 20 -1.43 -7.04 -4.27
N ILE A 21 -0.41 -7.40 -5.02
CA ILE A 21 0.28 -8.66 -4.81
C ILE A 21 1.72 -8.42 -4.34
N GLU A 22 2.31 -9.44 -3.74
CA GLU A 22 3.65 -9.35 -3.18
C GLU A 22 4.65 -8.88 -4.22
N GLY A 23 5.25 -7.73 -3.96
CA GLY A 23 6.30 -7.23 -4.85
C GLY A 23 5.94 -5.90 -5.48
N GLU A 24 4.75 -5.40 -5.21
CA GLU A 24 4.34 -4.11 -5.74
C GLU A 24 4.78 -3.01 -4.80
N VAL A 25 5.28 -1.93 -5.36
CA VAL A 25 5.69 -0.80 -4.57
C VAL A 25 4.55 0.20 -4.48
N ILE A 26 4.25 0.62 -3.27
CA ILE A 26 3.19 1.58 -3.02
C ILE A 26 3.78 2.85 -2.46
N ILE A 27 3.31 3.99 -2.92
CA ILE A 27 3.75 5.25 -2.39
C ILE A 27 2.75 5.75 -1.37
N VAL A 28 3.23 5.89 -0.13
CA VAL A 28 2.40 6.31 0.97
C VAL A 28 2.00 7.78 0.82
N THR A 29 0.73 8.00 0.56
CA THR A 29 0.23 9.34 0.31
C THR A 29 -0.72 9.78 1.43
N GLY A 30 -0.98 8.87 2.36
CA GLY A 30 -1.86 9.17 3.49
C GLY A 30 -1.72 8.15 4.60
N GLU A 31 -2.35 8.43 5.74
CA GLU A 31 -2.29 7.54 6.90
C GLU A 31 -3.65 7.44 7.59
N GLU A 32 -4.04 6.23 7.95
CA GLU A 32 -5.33 5.99 8.60
C GLU A 32 -5.13 5.61 10.06
N ASP A 33 -4.23 4.67 10.29
CA ASP A 33 -4.05 4.08 11.61
C ASP A 33 -2.59 3.65 11.80
N GLN A 34 -2.33 2.82 12.79
CA GLN A 34 -0.98 2.35 13.06
C GLN A 34 -0.54 1.34 12.01
N GLU A 35 -1.50 0.57 11.54
CA GLU A 35 -1.22 -0.53 10.63
C GLU A 35 -2.02 -0.37 9.34
N TRP A 36 -2.54 0.82 9.14
CA TRP A 36 -3.34 1.11 7.96
C TRP A 36 -2.96 2.46 7.39
N TRP A 37 -2.33 2.44 6.23
CA TRP A 37 -1.93 3.67 5.56
C TRP A 37 -2.69 3.81 4.25
N ILE A 38 -2.56 4.97 3.63
CA ILE A 38 -3.19 5.24 2.35
C ILE A 38 -2.12 5.54 1.33
N GLY A 39 -2.25 4.98 0.15
CA GLY A 39 -1.27 5.20 -0.87
C GLY A 39 -1.68 4.60 -2.18
N HIS A 40 -0.82 4.76 -3.16
CA HIS A 40 -1.12 4.32 -4.52
C HIS A 40 -0.01 3.43 -5.05
N ILE A 41 -0.36 2.54 -5.98
CA ILE A 41 0.62 1.70 -6.63
C ILE A 41 1.57 2.55 -7.47
N GLU A 42 2.86 2.46 -7.17
CA GLU A 42 3.88 3.17 -7.93
C GLU A 42 3.91 2.65 -9.37
N GLY A 43 3.71 3.54 -10.32
CA GLY A 43 3.66 3.14 -11.72
C GLY A 43 2.25 2.93 -12.20
N GLN A 44 1.28 2.96 -11.29
CA GLN A 44 -0.12 2.83 -11.63
C GLN A 44 -0.98 3.60 -10.63
N PRO A 45 -1.06 4.93 -10.81
CA PRO A 45 -1.63 5.84 -9.81
C PRO A 45 -3.15 5.76 -9.65
N GLU A 46 -3.81 4.93 -10.44
CA GLU A 46 -5.27 4.78 -10.30
C GLU A 46 -5.58 3.92 -9.10
N ARG A 47 -4.73 2.94 -8.86
CA ARG A 47 -4.93 2.02 -7.76
C ARG A 47 -4.37 2.58 -6.47
N LYS A 48 -5.24 3.18 -5.68
CA LYS A 48 -4.85 3.68 -4.38
C LYS A 48 -5.94 3.40 -3.35
N GLY A 49 -5.57 3.44 -2.08
CA GLY A 49 -6.50 3.18 -1.01
C GLY A 49 -5.80 2.83 0.27
N VAL A 50 -6.48 2.15 1.16
CA VAL A 50 -5.88 1.74 2.43
C VAL A 50 -5.15 0.41 2.27
N PHE A 51 -3.98 0.32 2.88
CA PHE A 51 -3.21 -0.91 2.85
C PHE A 51 -2.56 -1.17 4.21
N PRO A 52 -2.60 -2.43 4.66
CA PRO A 52 -2.01 -2.84 5.93
C PRO A 52 -0.49 -2.74 5.92
N VAL A 53 0.05 -1.97 6.86
CA VAL A 53 1.49 -1.70 6.94
C VAL A 53 2.27 -2.98 7.23
N SER A 54 1.63 -3.92 7.91
CA SER A 54 2.26 -5.17 8.27
C SER A 54 2.47 -6.05 7.04
N PHE A 55 1.76 -5.73 5.96
CA PHE A 55 1.82 -6.51 4.73
C PHE A 55 2.85 -5.94 3.76
N VAL A 56 3.56 -4.90 4.20
CA VAL A 56 4.53 -4.23 3.34
C VAL A 56 5.84 -3.98 4.09
N HIS A 57 6.89 -3.67 3.34
CA HIS A 57 8.12 -3.15 3.91
C HIS A 57 8.22 -1.68 3.60
N ILE A 58 9.06 -0.95 4.32
CA ILE A 58 9.19 0.48 4.10
C ILE A 58 10.41 0.77 3.21
N LEU A 59 10.26 1.75 2.34
CA LEU A 59 11.34 2.15 1.47
C LEU A 59 11.69 3.60 1.72
N SER A 60 12.95 3.88 1.99
CA SER A 60 13.41 5.25 2.03
C SER A 60 13.94 5.62 0.64
N ASP A 61 13.68 4.71 -0.28
CA ASP A 61 14.10 4.86 -1.67
C ASP A 61 12.86 5.04 -2.54
N VAL A 1 9.67 11.72 1.26
CA VAL A 1 9.11 10.68 0.38
C VAL A 1 9.12 9.33 1.10
N ARG A 2 7.95 8.72 1.23
CA ARG A 2 7.84 7.44 1.90
C ARG A 2 7.12 6.45 0.99
N ARG A 3 7.75 5.31 0.74
CA ARG A 3 7.17 4.28 -0.07
C ARG A 3 7.18 2.97 0.69
N VAL A 4 6.47 1.99 0.20
CA VAL A 4 6.45 0.67 0.80
C VAL A 4 6.52 -0.40 -0.29
N LYS A 5 6.89 -1.61 0.09
CA LYS A 5 6.99 -2.71 -0.83
C LYS A 5 6.31 -3.92 -0.22
N THR A 6 5.26 -4.37 -0.85
CA THR A 6 4.41 -5.42 -0.31
C THR A 6 5.16 -6.74 -0.17
N ILE A 7 5.06 -7.34 1.00
CA ILE A 7 5.70 -8.62 1.26
C ILE A 7 4.64 -9.71 1.36
N TYR A 8 3.38 -9.30 1.26
CA TYR A 8 2.25 -10.22 1.29
C TYR A 8 1.20 -9.83 0.27
N ASP A 9 0.40 -10.79 -0.14
CA ASP A 9 -0.74 -10.55 -1.01
C ASP A 9 -1.92 -9.99 -0.22
N CYS A 10 -2.50 -8.91 -0.68
CA CYS A 10 -3.66 -8.33 -0.03
C CYS A 10 -4.64 -7.85 -1.09
N GLN A 11 -5.61 -8.71 -1.39
CA GLN A 11 -6.64 -8.39 -2.35
C GLN A 11 -7.82 -7.75 -1.61
N ALA A 12 -7.95 -6.46 -1.83
CA ALA A 12 -8.97 -5.62 -1.21
C ALA A 12 -10.34 -6.27 -1.14
N ASP A 13 -10.95 -6.17 0.03
CA ASP A 13 -12.31 -6.63 0.24
C ASP A 13 -13.27 -5.47 0.01
N ASN A 14 -12.80 -4.27 0.32
CA ASN A 14 -13.60 -3.06 0.20
C ASN A 14 -12.97 -2.12 -0.82
N ASP A 15 -13.80 -1.23 -1.38
CA ASP A 15 -13.35 -0.29 -2.41
C ASP A 15 -12.33 0.71 -1.89
N ASP A 16 -12.29 0.90 -0.57
CA ASP A 16 -11.32 1.81 0.02
C ASP A 16 -10.01 1.10 0.29
N GLU A 17 -10.02 -0.21 0.20
CA GLU A 17 -8.82 -1.01 0.39
C GLU A 17 -8.09 -1.15 -0.94
N LEU A 18 -6.78 -1.36 -0.89
CA LEU A 18 -6.02 -1.51 -2.10
C LEU A 18 -5.79 -2.98 -2.42
N THR A 19 -5.82 -3.31 -3.71
CA THR A 19 -5.56 -4.65 -4.17
C THR A 19 -4.13 -4.73 -4.71
N PHE A 20 -3.34 -5.61 -4.13
CA PHE A 20 -1.95 -5.79 -4.55
C PHE A 20 -1.48 -7.19 -4.20
N ILE A 21 -0.35 -7.58 -4.77
CA ILE A 21 0.26 -8.86 -4.45
C ILE A 21 1.70 -8.65 -4.00
N GLU A 22 2.33 -9.72 -3.52
CA GLU A 22 3.72 -9.66 -3.05
C GLU A 22 4.64 -9.14 -4.14
N GLY A 23 5.20 -7.95 -3.92
CA GLY A 23 6.15 -7.40 -4.88
C GLY A 23 5.69 -6.09 -5.48
N GLU A 24 4.57 -5.57 -5.02
CA GLU A 24 4.08 -4.28 -5.48
C GLU A 24 4.64 -3.15 -4.62
N VAL A 25 5.00 -2.07 -5.26
CA VAL A 25 5.50 -0.90 -4.57
C VAL A 25 4.42 0.16 -4.47
N ILE A 26 4.21 0.68 -3.27
CA ILE A 26 3.17 1.66 -3.02
C ILE A 26 3.78 2.94 -2.47
N ILE A 27 3.29 4.07 -2.93
CA ILE A 27 3.69 5.34 -2.35
C ILE A 27 2.71 5.74 -1.27
N VAL A 28 3.22 5.97 -0.07
CA VAL A 28 2.42 6.41 1.04
C VAL A 28 1.98 7.86 0.83
N THR A 29 0.69 8.04 0.60
CA THR A 29 0.16 9.36 0.30
C THR A 29 -0.79 9.81 1.42
N GLY A 30 -0.95 8.94 2.42
CA GLY A 30 -1.78 9.25 3.57
C GLY A 30 -1.63 8.21 4.67
N GLU A 31 -2.21 8.47 5.84
CA GLU A 31 -2.10 7.55 6.97
C GLU A 31 -3.41 7.54 7.77
N GLU A 32 -3.86 6.34 8.13
CA GLU A 32 -5.09 6.18 8.90
C GLU A 32 -4.77 5.61 10.28
N ASP A 33 -3.98 4.55 10.28
CA ASP A 33 -3.65 3.83 11.48
C ASP A 33 -2.14 3.54 11.48
N GLN A 34 -1.66 2.76 12.43
CA GLN A 34 -0.26 2.39 12.46
C GLN A 34 0.01 1.30 11.43
N GLU A 35 -0.97 0.43 11.22
CA GLU A 35 -0.80 -0.66 10.28
C GLU A 35 -1.73 -0.50 9.10
N TRP A 36 -2.25 0.71 8.93
CA TRP A 36 -3.14 1.01 7.82
C TRP A 36 -2.85 2.41 7.28
N TRP A 37 -2.18 2.46 6.14
CA TRP A 37 -1.86 3.72 5.51
C TRP A 37 -2.63 3.87 4.21
N ILE A 38 -2.56 5.05 3.63
CA ILE A 38 -3.21 5.34 2.37
C ILE A 38 -2.16 5.65 1.34
N GLY A 39 -2.35 5.15 0.14
CA GLY A 39 -1.39 5.39 -0.89
C GLY A 39 -1.83 4.86 -2.22
N HIS A 40 -0.89 4.80 -3.14
CA HIS A 40 -1.18 4.34 -4.49
C HIS A 40 -0.04 3.46 -5.01
N ILE A 41 -0.38 2.52 -5.89
CA ILE A 41 0.60 1.66 -6.51
C ILE A 41 1.49 2.46 -7.47
N GLU A 42 2.79 2.33 -7.29
CA GLU A 42 3.76 2.95 -8.18
C GLU A 42 3.58 2.45 -9.60
N GLY A 43 3.25 3.35 -10.52
CA GLY A 43 3.07 2.97 -11.91
C GLY A 43 1.62 2.69 -12.22
N GLN A 44 0.80 2.55 -11.19
CA GLN A 44 -0.63 2.33 -11.35
C GLN A 44 -1.41 3.28 -10.43
N PRO A 45 -1.54 4.56 -10.83
CA PRO A 45 -2.16 5.59 -10.00
C PRO A 45 -3.67 5.37 -9.81
N GLU A 46 -4.21 4.42 -10.56
CA GLU A 46 -5.62 4.05 -10.43
C GLU A 46 -5.80 3.16 -9.22
N ARG A 47 -4.71 2.53 -8.81
CA ARG A 47 -4.69 1.62 -7.68
C ARG A 47 -4.30 2.37 -6.41
N LYS A 48 -5.28 2.87 -5.68
CA LYS A 48 -4.99 3.55 -4.42
C LYS A 48 -5.90 3.02 -3.32
N GLY A 49 -5.68 3.51 -2.10
CA GLY A 49 -6.54 3.15 -1.00
C GLY A 49 -5.76 2.87 0.26
N VAL A 50 -6.41 2.22 1.22
CA VAL A 50 -5.73 1.83 2.44
C VAL A 50 -5.05 0.48 2.26
N PHE A 51 -3.84 0.39 2.77
CA PHE A 51 -3.08 -0.84 2.68
C PHE A 51 -2.46 -1.16 4.03
N PRO A 52 -2.53 -2.44 4.43
CA PRO A 52 -1.98 -2.90 5.69
C PRO A 52 -0.45 -2.84 5.70
N VAL A 53 0.09 -2.07 6.62
CA VAL A 53 1.53 -1.88 6.73
C VAL A 53 2.21 -3.16 7.22
N SER A 54 1.41 -4.01 7.85
CA SER A 54 1.88 -5.31 8.31
C SER A 54 2.10 -6.26 7.13
N PHE A 55 1.67 -5.82 5.95
CA PHE A 55 1.81 -6.62 4.73
C PHE A 55 2.87 -6.04 3.81
N VAL A 56 3.59 -5.01 4.28
CA VAL A 56 4.56 -4.32 3.45
C VAL A 56 5.84 -4.00 4.20
N HIS A 57 6.83 -3.55 3.45
CA HIS A 57 8.06 -2.99 4.00
C HIS A 57 8.14 -1.52 3.64
N ILE A 58 8.87 -0.73 4.41
CA ILE A 58 9.00 0.69 4.12
C ILE A 58 10.32 0.98 3.41
N LEU A 59 10.25 1.84 2.41
CA LEU A 59 11.42 2.21 1.63
C LEU A 59 11.84 3.64 1.96
N SER A 60 13.13 3.80 2.24
CA SER A 60 13.70 5.12 2.37
C SER A 60 14.14 5.60 0.99
N ASP A 61 13.84 4.75 0.02
CA ASP A 61 14.18 4.99 -1.37
C ASP A 61 12.96 5.52 -2.11
N VAL A 1 9.20 11.73 1.65
CA VAL A 1 9.22 10.59 0.72
C VAL A 1 9.07 9.27 1.47
N ARG A 2 7.93 8.63 1.31
CA ARG A 2 7.65 7.38 1.96
C ARG A 2 7.11 6.36 0.96
N ARG A 3 7.86 5.30 0.74
CA ARG A 3 7.47 4.24 -0.16
C ARG A 3 7.54 2.92 0.57
N VAL A 4 6.66 2.01 0.21
CA VAL A 4 6.64 0.68 0.79
C VAL A 4 6.62 -0.36 -0.33
N LYS A 5 7.12 -1.55 -0.04
CA LYS A 5 7.05 -2.64 -1.00
C LYS A 5 6.37 -3.83 -0.35
N THR A 6 5.21 -4.15 -0.87
CA THR A 6 4.39 -5.22 -0.33
C THR A 6 5.14 -6.55 -0.27
N ILE A 7 5.11 -7.17 0.88
CA ILE A 7 5.76 -8.46 1.07
C ILE A 7 4.73 -9.56 1.32
N TYR A 8 3.46 -9.15 1.36
CA TYR A 8 2.36 -10.08 1.50
C TYR A 8 1.23 -9.71 0.55
N ASP A 9 0.65 -10.72 -0.08
CA ASP A 9 -0.48 -10.53 -0.98
C ASP A 9 -1.69 -9.98 -0.23
N CYS A 10 -2.29 -8.94 -0.77
CA CYS A 10 -3.48 -8.36 -0.18
C CYS A 10 -4.45 -7.94 -1.28
N GLN A 11 -5.38 -8.83 -1.56
CA GLN A 11 -6.39 -8.58 -2.56
C GLN A 11 -7.63 -8.01 -1.91
N ALA A 12 -7.76 -6.70 -2.05
CA ALA A 12 -8.86 -5.92 -1.46
C ALA A 12 -10.22 -6.56 -1.67
N ASP A 13 -10.95 -6.75 -0.57
CA ASP A 13 -12.32 -7.21 -0.63
C ASP A 13 -13.24 -6.01 -0.81
N ASN A 14 -12.89 -4.92 -0.16
CA ASN A 14 -13.65 -3.68 -0.25
C ASN A 14 -13.06 -2.79 -1.33
N ASP A 15 -13.87 -1.85 -1.82
CA ASP A 15 -13.48 -0.99 -2.92
C ASP A 15 -12.51 0.10 -2.48
N ASP A 16 -12.51 0.39 -1.17
CA ASP A 16 -11.66 1.44 -0.63
C ASP A 16 -10.29 0.89 -0.24
N GLU A 17 -10.19 -0.43 -0.21
CA GLU A 17 -8.93 -1.10 0.05
C GLU A 17 -8.16 -1.24 -1.25
N LEU A 18 -6.85 -1.39 -1.16
CA LEU A 18 -6.02 -1.54 -2.35
C LEU A 18 -5.75 -3.02 -2.63
N THR A 19 -5.71 -3.35 -3.91
CA THR A 19 -5.38 -4.70 -4.35
C THR A 19 -3.96 -4.73 -4.88
N PHE A 20 -3.16 -5.61 -4.32
CA PHE A 20 -1.76 -5.76 -4.70
C PHE A 20 -1.25 -7.14 -4.32
N ILE A 21 -0.12 -7.51 -4.90
CA ILE A 21 0.54 -8.76 -4.54
C ILE A 21 1.95 -8.46 -4.07
N GLU A 22 2.66 -9.47 -3.58
CA GLU A 22 4.01 -9.30 -3.08
C GLU A 22 4.93 -8.76 -4.17
N GLY A 23 5.46 -7.57 -3.94
CA GLY A 23 6.40 -6.99 -4.87
C GLY A 23 5.92 -5.67 -5.43
N GLU A 24 4.71 -5.29 -5.07
CA GLU A 24 4.16 -4.01 -5.50
C GLU A 24 4.72 -2.88 -4.67
N VAL A 25 5.26 -1.87 -5.33
CA VAL A 25 5.73 -0.69 -4.65
C VAL A 25 4.59 0.31 -4.51
N ILE A 26 4.31 0.66 -3.28
CA ILE A 26 3.24 1.59 -2.98
C ILE A 26 3.82 2.87 -2.41
N ILE A 27 3.41 4.00 -2.96
CA ILE A 27 3.82 5.27 -2.41
C ILE A 27 2.79 5.74 -1.40
N VAL A 28 3.22 5.86 -0.16
CA VAL A 28 2.36 6.27 0.93
C VAL A 28 1.95 7.72 0.76
N THR A 29 0.66 7.95 0.58
CA THR A 29 0.15 9.27 0.31
C THR A 29 -0.66 9.80 1.50
N GLY A 30 -0.91 8.94 2.49
CA GLY A 30 -1.62 9.35 3.69
C GLY A 30 -1.65 8.24 4.74
N GLU A 31 -2.17 8.56 5.91
CA GLU A 31 -2.27 7.58 7.00
C GLU A 31 -3.65 7.62 7.63
N GLU A 32 -4.20 6.44 7.91
CA GLU A 32 -5.51 6.34 8.55
C GLU A 32 -5.35 5.93 10.01
N ASP A 33 -4.48 4.97 10.24
CA ASP A 33 -4.25 4.45 11.58
C ASP A 33 -2.82 3.93 11.70
N GLN A 34 -2.54 3.14 12.73
CA GLN A 34 -1.19 2.65 12.96
C GLN A 34 -0.88 1.49 12.02
N GLU A 35 -1.92 0.74 11.64
CA GLU A 35 -1.73 -0.44 10.83
C GLU A 35 -2.42 -0.29 9.48
N TRP A 36 -2.89 0.93 9.21
CA TRP A 36 -3.64 1.22 7.99
C TRP A 36 -3.21 2.54 7.40
N TRP A 37 -2.51 2.49 6.28
CA TRP A 37 -2.07 3.69 5.59
C TRP A 37 -2.77 3.79 4.25
N ILE A 38 -2.70 4.97 3.65
CA ILE A 38 -3.28 5.23 2.35
C ILE A 38 -2.18 5.52 1.36
N GLY A 39 -2.28 4.96 0.18
CA GLY A 39 -1.28 5.19 -0.82
C GLY A 39 -1.76 4.78 -2.18
N HIS A 40 -0.84 4.77 -3.12
CA HIS A 40 -1.15 4.40 -4.49
C HIS A 40 -0.08 3.45 -5.02
N ILE A 41 -0.46 2.58 -5.94
CA ILE A 41 0.48 1.71 -6.61
C ILE A 41 1.40 2.52 -7.51
N GLU A 42 2.70 2.28 -7.41
CA GLU A 42 3.68 2.95 -8.25
C GLU A 42 3.37 2.70 -9.71
N GLY A 43 3.33 3.76 -10.50
CA GLY A 43 3.06 3.63 -11.91
C GLY A 43 1.60 3.82 -12.24
N GLN A 44 0.72 3.30 -11.39
CA GLN A 44 -0.72 3.43 -11.60
C GLN A 44 -1.38 4.12 -10.42
N PRO A 45 -1.50 5.46 -10.48
CA PRO A 45 -2.17 6.23 -9.44
C PRO A 45 -3.68 5.98 -9.44
N GLU A 46 -4.12 5.14 -10.37
CA GLU A 46 -5.52 4.72 -10.42
C GLU A 46 -5.78 3.71 -9.32
N ARG A 47 -4.72 3.02 -8.92
CA ARG A 47 -4.78 2.05 -7.85
C ARG A 47 -4.36 2.69 -6.54
N LYS A 48 -5.30 3.27 -5.81
CA LYS A 48 -5.01 3.78 -4.48
C LYS A 48 -5.90 3.10 -3.47
N GLY A 49 -5.63 3.36 -2.20
CA GLY A 49 -6.51 2.90 -1.15
C GLY A 49 -5.78 2.65 0.14
N VAL A 50 -6.47 2.02 1.08
CA VAL A 50 -5.86 1.67 2.35
C VAL A 50 -5.14 0.33 2.26
N PHE A 51 -4.00 0.24 2.93
CA PHE A 51 -3.22 -0.98 2.94
C PHE A 51 -2.61 -1.20 4.32
N PRO A 52 -2.69 -2.44 4.82
CA PRO A 52 -2.11 -2.82 6.11
C PRO A 52 -0.59 -2.72 6.09
N VAL A 53 -0.06 -1.97 7.05
CA VAL A 53 1.37 -1.69 7.13
C VAL A 53 2.17 -2.96 7.38
N SER A 54 1.54 -3.95 7.98
CA SER A 54 2.18 -5.22 8.29
C SER A 54 2.45 -6.04 7.02
N PHE A 55 1.80 -5.66 5.93
CA PHE A 55 1.93 -6.38 4.67
C PHE A 55 2.96 -5.73 3.76
N VAL A 56 3.54 -4.63 4.20
CA VAL A 56 4.47 -3.89 3.35
C VAL A 56 5.84 -3.74 4.00
N HIS A 57 6.87 -3.72 3.16
CA HIS A 57 8.23 -3.51 3.60
C HIS A 57 8.63 -2.08 3.23
N ILE A 58 8.67 -1.21 4.23
CA ILE A 58 8.89 0.21 3.99
C ILE A 58 10.32 0.50 3.59
N LEU A 59 10.48 1.28 2.54
CA LEU A 59 11.78 1.65 2.02
C LEU A 59 12.29 2.88 2.77
N SER A 60 11.33 3.72 3.16
CA SER A 60 11.60 4.98 3.87
C SER A 60 12.42 5.94 3.01
N ASP A 61 12.50 5.64 1.72
CA ASP A 61 13.26 6.44 0.78
C ASP A 61 13.05 5.89 -0.65
N VAL A 1 10.65 10.05 -0.94
CA VAL A 1 9.21 9.84 -0.66
C VAL A 1 9.00 8.48 0.01
N ARG A 2 8.19 8.45 1.07
CA ARG A 2 7.96 7.21 1.79
C ARG A 2 7.16 6.24 0.95
N ARG A 3 7.77 5.09 0.67
CA ARG A 3 7.13 4.08 -0.14
C ARG A 3 7.17 2.76 0.61
N VAL A 4 6.47 1.76 0.10
CA VAL A 4 6.47 0.45 0.72
C VAL A 4 6.55 -0.63 -0.36
N LYS A 5 7.28 -1.69 -0.07
CA LYS A 5 7.35 -2.84 -0.94
C LYS A 5 6.58 -3.99 -0.31
N THR A 6 5.42 -4.27 -0.87
CA THR A 6 4.54 -5.29 -0.33
C THR A 6 5.25 -6.65 -0.23
N ILE A 7 5.31 -7.19 0.98
CA ILE A 7 5.96 -8.48 1.21
C ILE A 7 4.92 -9.57 1.39
N TYR A 8 3.65 -9.19 1.36
CA TYR A 8 2.55 -10.13 1.47
C TYR A 8 1.44 -9.75 0.50
N ASP A 9 0.76 -10.75 -0.04
CA ASP A 9 -0.38 -10.53 -0.90
C ASP A 9 -1.58 -10.05 -0.10
N CYS A 10 -2.26 -9.05 -0.61
CA CYS A 10 -3.47 -8.54 0.04
C CYS A 10 -4.60 -8.42 -0.97
N GLN A 11 -5.56 -9.33 -0.89
CA GLN A 11 -6.75 -9.26 -1.71
C GLN A 11 -7.81 -8.41 -1.04
N ALA A 12 -7.85 -7.15 -1.45
CA ALA A 12 -8.78 -6.18 -0.91
C ALA A 12 -10.23 -6.56 -1.19
N ASP A 13 -11.07 -6.40 -0.19
CA ASP A 13 -12.49 -6.70 -0.34
C ASP A 13 -13.28 -5.41 -0.55
N ASN A 14 -12.96 -4.40 0.24
CA ASN A 14 -13.63 -3.12 0.14
C ASN A 14 -12.97 -2.27 -0.94
N ASP A 15 -13.77 -1.47 -1.63
CA ASP A 15 -13.30 -0.65 -2.74
C ASP A 15 -12.47 0.53 -2.24
N ASP A 16 -12.31 0.60 -0.93
CA ASP A 16 -11.48 1.62 -0.30
C ASP A 16 -10.11 1.03 0.04
N GLU A 17 -10.05 -0.29 0.09
CA GLU A 17 -8.79 -0.99 0.31
C GLU A 17 -8.06 -1.15 -1.01
N LEU A 18 -6.75 -1.23 -0.98
CA LEU A 18 -5.98 -1.42 -2.19
C LEU A 18 -5.64 -2.90 -2.40
N THR A 19 -5.68 -3.33 -3.64
CA THR A 19 -5.37 -4.71 -3.98
C THR A 19 -3.95 -4.80 -4.53
N PHE A 20 -3.12 -5.61 -3.90
CA PHE A 20 -1.74 -5.77 -4.32
C PHE A 20 -1.24 -7.18 -4.00
N ILE A 21 -0.22 -7.62 -4.74
CA ILE A 21 0.45 -8.87 -4.43
C ILE A 21 1.89 -8.58 -4.01
N GLU A 22 2.59 -9.60 -3.56
CA GLU A 22 3.96 -9.45 -3.09
C GLU A 22 4.85 -8.91 -4.20
N GLY A 23 5.41 -7.73 -3.97
CA GLY A 23 6.34 -7.15 -4.92
C GLY A 23 5.86 -5.83 -5.48
N GLU A 24 4.67 -5.40 -5.05
CA GLU A 24 4.13 -4.13 -5.49
C GLU A 24 4.70 -3.00 -4.67
N VAL A 25 5.01 -1.89 -5.33
CA VAL A 25 5.50 -0.72 -4.64
C VAL A 25 4.38 0.28 -4.46
N ILE A 26 4.13 0.65 -3.22
CA ILE A 26 3.06 1.61 -2.93
C ILE A 26 3.66 2.87 -2.32
N ILE A 27 3.25 4.02 -2.82
CA ILE A 27 3.68 5.28 -2.23
C ILE A 27 2.72 5.69 -1.14
N VAL A 28 3.26 5.97 0.04
CA VAL A 28 2.46 6.38 1.17
C VAL A 28 1.99 7.83 0.99
N THR A 29 0.71 7.99 0.73
CA THR A 29 0.15 9.30 0.42
C THR A 29 -0.71 9.83 1.58
N GLY A 30 -0.96 8.97 2.57
CA GLY A 30 -1.73 9.38 3.74
C GLY A 30 -1.79 8.29 4.79
N GLU A 31 -2.42 8.58 5.92
CA GLU A 31 -2.56 7.62 7.01
C GLU A 31 -4.03 7.51 7.44
N GLU A 32 -4.41 6.33 7.90
CA GLU A 32 -5.73 6.10 8.47
C GLU A 32 -5.60 5.60 9.89
N ASP A 33 -4.71 4.65 10.05
CA ASP A 33 -4.45 4.02 11.33
C ASP A 33 -2.95 3.73 11.43
N GLN A 34 -2.50 3.14 12.53
CA GLN A 34 -1.08 2.83 12.66
C GLN A 34 -0.74 1.57 11.90
N GLU A 35 -1.76 0.79 11.53
CA GLU A 35 -1.54 -0.40 10.74
C GLU A 35 -2.25 -0.30 9.40
N TRP A 36 -2.74 0.90 9.10
CA TRP A 36 -3.48 1.15 7.87
C TRP A 36 -3.13 2.52 7.29
N TRP A 37 -2.38 2.51 6.20
CA TRP A 37 -2.00 3.75 5.54
C TRP A 37 -2.72 3.87 4.20
N ILE A 38 -2.69 5.05 3.63
CA ILE A 38 -3.31 5.32 2.35
C ILE A 38 -2.23 5.62 1.33
N GLY A 39 -2.29 4.98 0.20
CA GLY A 39 -1.28 5.18 -0.80
C GLY A 39 -1.74 4.79 -2.17
N HIS A 40 -0.81 4.73 -3.10
CA HIS A 40 -1.12 4.36 -4.48
C HIS A 40 -0.06 3.45 -5.05
N ILE A 41 -0.44 2.61 -6.00
CA ILE A 41 0.52 1.74 -6.66
C ILE A 41 1.45 2.54 -7.57
N GLU A 42 2.75 2.33 -7.40
CA GLU A 42 3.76 2.95 -8.27
C GLU A 42 3.55 2.48 -9.70
N GLY A 43 3.34 3.44 -10.59
CA GLY A 43 3.06 3.10 -11.97
C GLY A 43 1.57 3.01 -12.26
N GLN A 44 0.78 2.94 -11.20
CA GLN A 44 -0.67 2.91 -11.33
C GLN A 44 -1.30 3.85 -10.30
N PRO A 45 -1.15 5.16 -10.49
CA PRO A 45 -1.69 6.17 -9.57
C PRO A 45 -3.21 6.17 -9.54
N GLU A 46 -3.79 5.42 -10.47
CA GLU A 46 -5.23 5.27 -10.57
C GLU A 46 -5.73 4.33 -9.47
N ARG A 47 -4.90 3.38 -9.07
CA ARG A 47 -5.30 2.44 -8.04
C ARG A 47 -4.66 2.81 -6.72
N LYS A 48 -5.45 3.46 -5.89
CA LYS A 48 -5.01 3.86 -4.57
C LYS A 48 -5.90 3.23 -3.52
N GLY A 49 -5.59 3.48 -2.25
CA GLY A 49 -6.46 3.01 -1.19
C GLY A 49 -5.70 2.74 0.08
N VAL A 50 -6.34 2.10 1.03
CA VAL A 50 -5.70 1.74 2.28
C VAL A 50 -4.96 0.41 2.15
N PHE A 51 -3.81 0.33 2.78
CA PHE A 51 -3.01 -0.88 2.78
C PHE A 51 -2.43 -1.15 4.16
N PRO A 52 -2.48 -2.41 4.60
CA PRO A 52 -1.94 -2.83 5.88
C PRO A 52 -0.41 -2.70 5.92
N VAL A 53 0.08 -1.95 6.90
CA VAL A 53 1.50 -1.64 7.01
C VAL A 53 2.31 -2.89 7.37
N SER A 54 1.67 -3.83 8.04
CA SER A 54 2.34 -5.06 8.45
C SER A 54 2.50 -6.02 7.25
N PHE A 55 1.87 -5.67 6.13
CA PHE A 55 1.96 -6.47 4.93
C PHE A 55 2.97 -5.89 3.95
N VAL A 56 3.55 -4.75 4.31
CA VAL A 56 4.44 -4.04 3.40
C VAL A 56 5.81 -3.82 4.03
N HIS A 57 6.82 -3.71 3.18
CA HIS A 57 8.19 -3.49 3.62
C HIS A 57 8.62 -2.07 3.22
N ILE A 58 8.60 -1.17 4.19
CA ILE A 58 8.78 0.26 3.91
C ILE A 58 10.16 0.58 3.34
N LEU A 59 10.16 1.54 2.41
CA LEU A 59 11.39 2.05 1.80
C LEU A 59 11.65 3.45 2.30
N SER A 60 12.89 3.74 2.62
CA SER A 60 13.27 5.07 3.02
C SER A 60 13.91 5.81 1.85
N ASP A 61 13.27 5.70 0.70
CA ASP A 61 13.79 6.29 -0.52
C ASP A 61 12.64 6.81 -1.39
N VAL A 1 9.04 11.59 0.27
CA VAL A 1 7.86 10.74 0.05
C VAL A 1 8.16 9.30 0.42
N ARG A 2 7.35 8.73 1.30
CA ARG A 2 7.59 7.40 1.80
C ARG A 2 7.01 6.37 0.84
N ARG A 3 7.72 5.26 0.65
CA ARG A 3 7.21 4.17 -0.14
C ARG A 3 7.16 2.91 0.69
N VAL A 4 6.43 1.93 0.22
CA VAL A 4 6.39 0.63 0.84
C VAL A 4 6.44 -0.44 -0.25
N LYS A 5 7.14 -1.52 0.01
CA LYS A 5 7.28 -2.59 -0.96
C LYS A 5 6.62 -3.83 -0.41
N THR A 6 5.49 -4.17 -0.99
CA THR A 6 4.64 -5.23 -0.48
C THR A 6 5.39 -6.55 -0.35
N ILE A 7 5.26 -7.17 0.81
CA ILE A 7 5.92 -8.44 1.09
C ILE A 7 4.91 -9.56 1.30
N TYR A 8 3.63 -9.20 1.21
CA TYR A 8 2.54 -10.16 1.34
C TYR A 8 1.46 -9.87 0.31
N ASP A 9 0.65 -10.88 0.01
CA ASP A 9 -0.53 -10.72 -0.82
C ASP A 9 -1.65 -10.12 0.01
N CYS A 10 -2.33 -9.12 -0.52
CA CYS A 10 -3.42 -8.47 0.20
C CYS A 10 -4.70 -8.54 -0.62
N GLN A 11 -5.56 -9.48 -0.26
CA GLN A 11 -6.86 -9.60 -0.88
C GLN A 11 -7.83 -8.60 -0.26
N ALA A 12 -7.89 -7.42 -0.87
CA ALA A 12 -8.80 -6.39 -0.44
C ALA A 12 -10.23 -6.77 -0.80
N ASP A 13 -11.00 -7.14 0.22
CA ASP A 13 -12.39 -7.52 0.01
C ASP A 13 -13.26 -6.28 -0.06
N ASN A 14 -12.79 -5.22 0.59
CA ASN A 14 -13.48 -3.94 0.55
C ASN A 14 -12.85 -3.06 -0.52
N ASP A 15 -13.68 -2.38 -1.29
CA ASP A 15 -13.22 -1.65 -2.46
C ASP A 15 -12.43 -0.41 -2.06
N ASP A 16 -12.50 -0.05 -0.79
CA ASP A 16 -11.73 1.09 -0.27
C ASP A 16 -10.31 0.63 0.07
N GLU A 17 -10.15 -0.68 0.17
CA GLU A 17 -8.86 -1.29 0.44
C GLU A 17 -8.12 -1.53 -0.86
N LEU A 18 -6.80 -1.54 -0.82
CA LEU A 18 -6.01 -1.75 -2.03
C LEU A 18 -5.65 -3.22 -2.20
N THR A 19 -5.70 -3.66 -3.45
CA THR A 19 -5.38 -5.04 -3.80
C THR A 19 -3.99 -5.10 -4.45
N PHE A 20 -3.09 -5.82 -3.81
CA PHE A 20 -1.73 -5.94 -4.32
C PHE A 20 -1.17 -7.31 -4.01
N ILE A 21 -0.06 -7.67 -4.65
CA ILE A 21 0.66 -8.90 -4.33
C ILE A 21 2.11 -8.58 -3.98
N GLU A 22 2.78 -9.56 -3.39
CA GLU A 22 4.18 -9.41 -2.99
C GLU A 22 5.02 -8.92 -4.16
N GLY A 23 5.58 -7.73 -4.01
CA GLY A 23 6.50 -7.24 -5.00
C GLY A 23 6.06 -5.95 -5.65
N GLU A 24 4.93 -5.40 -5.23
CA GLU A 24 4.48 -4.12 -5.75
C GLU A 24 4.89 -2.98 -4.83
N VAL A 25 5.27 -1.87 -5.41
CA VAL A 25 5.70 -0.71 -4.65
C VAL A 25 4.56 0.30 -4.55
N ILE A 26 4.30 0.74 -3.34
CA ILE A 26 3.22 1.68 -3.07
C ILE A 26 3.80 2.96 -2.50
N ILE A 27 3.32 4.10 -2.96
CA ILE A 27 3.69 5.37 -2.34
C ILE A 27 2.70 5.73 -1.27
N VAL A 28 3.18 5.90 -0.05
CA VAL A 28 2.35 6.31 1.06
C VAL A 28 1.92 7.76 0.87
N THR A 29 0.64 7.94 0.58
CA THR A 29 0.11 9.26 0.31
C THR A 29 -0.62 9.79 1.55
N GLY A 30 -1.06 8.87 2.41
CA GLY A 30 -1.75 9.25 3.63
C GLY A 30 -1.60 8.19 4.71
N GLU A 31 -2.09 8.49 5.91
CA GLU A 31 -1.99 7.58 7.04
C GLU A 31 -3.27 7.61 7.86
N GLU A 32 -3.92 6.46 7.97
CA GLU A 32 -5.17 6.37 8.70
C GLU A 32 -4.94 5.93 10.14
N ASP A 33 -4.13 4.90 10.29
CA ASP A 33 -3.84 4.34 11.61
C ASP A 33 -2.39 3.86 11.66
N GLN A 34 -2.10 2.95 12.58
CA GLN A 34 -0.75 2.47 12.80
C GLN A 34 -0.37 1.49 11.71
N GLU A 35 -1.30 0.57 11.43
CA GLU A 35 -1.05 -0.48 10.45
C GLU A 35 -1.96 -0.32 9.25
N TRP A 36 -2.53 0.85 9.10
CA TRP A 36 -3.41 1.13 7.97
C TRP A 36 -3.11 2.50 7.40
N TRP A 37 -2.44 2.50 6.26
CA TRP A 37 -2.05 3.74 5.60
C TRP A 37 -2.74 3.85 4.25
N ILE A 38 -2.64 5.02 3.65
CA ILE A 38 -3.25 5.28 2.35
C ILE A 38 -2.14 5.52 1.34
N GLY A 39 -2.29 4.95 0.17
CA GLY A 39 -1.27 5.10 -0.84
C GLY A 39 -1.67 4.51 -2.16
N HIS A 40 -0.79 4.64 -3.14
CA HIS A 40 -1.08 4.21 -4.49
C HIS A 40 0.04 3.35 -5.05
N ILE A 41 -0.31 2.47 -5.97
CA ILE A 41 0.66 1.63 -6.66
C ILE A 41 1.52 2.48 -7.58
N GLU A 42 2.84 2.33 -7.48
CA GLU A 42 3.77 3.07 -8.32
C GLU A 42 3.55 2.74 -9.79
N GLY A 43 3.20 3.74 -10.57
CA GLY A 43 2.97 3.53 -11.98
C GLY A 43 1.50 3.29 -12.27
N GLN A 44 0.76 2.92 -11.24
CA GLN A 44 -0.65 2.63 -11.35
C GLN A 44 -1.41 3.49 -10.33
N PRO A 45 -1.51 4.81 -10.59
CA PRO A 45 -1.97 5.78 -9.61
C PRO A 45 -3.43 5.63 -9.21
N GLU A 46 -4.24 5.05 -10.09
CA GLU A 46 -5.65 4.86 -9.81
C GLU A 46 -5.82 3.76 -8.78
N ARG A 47 -4.86 2.85 -8.77
CA ARG A 47 -4.83 1.79 -7.79
C ARG A 47 -4.31 2.30 -6.46
N LYS A 48 -5.20 2.84 -5.66
CA LYS A 48 -4.83 3.37 -4.36
C LYS A 48 -5.94 3.15 -3.34
N GLY A 49 -5.64 3.46 -2.09
CA GLY A 49 -6.58 3.26 -1.01
C GLY A 49 -5.85 2.93 0.27
N VAL A 50 -6.54 2.26 1.19
CA VAL A 50 -5.90 1.85 2.43
C VAL A 50 -5.22 0.50 2.26
N PHE A 51 -4.04 0.37 2.86
CA PHE A 51 -3.28 -0.87 2.81
C PHE A 51 -2.65 -1.15 4.16
N PRO A 52 -2.66 -2.42 4.58
CA PRO A 52 -2.09 -2.85 5.86
C PRO A 52 -0.57 -2.75 5.86
N VAL A 53 -0.05 -1.97 6.79
CA VAL A 53 1.38 -1.72 6.91
C VAL A 53 2.14 -2.97 7.33
N SER A 54 1.43 -3.89 7.95
CA SER A 54 2.01 -5.16 8.39
C SER A 54 2.29 -6.07 7.19
N PHE A 55 1.76 -5.69 6.03
CA PHE A 55 1.91 -6.46 4.81
C PHE A 55 2.95 -5.83 3.88
N VAL A 56 3.53 -4.72 4.28
CA VAL A 56 4.43 -3.98 3.40
C VAL A 56 5.80 -3.76 4.03
N HIS A 57 6.80 -3.66 3.17
CA HIS A 57 8.17 -3.43 3.58
C HIS A 57 8.56 -1.99 3.27
N ILE A 58 8.59 -1.15 4.28
CA ILE A 58 8.71 0.30 4.09
C ILE A 58 10.08 0.70 3.55
N LEU A 59 10.07 1.68 2.65
CA LEU A 59 11.29 2.21 2.06
C LEU A 59 11.57 3.60 2.61
N SER A 60 12.61 3.71 3.39
CA SER A 60 13.12 5.01 3.79
C SER A 60 14.34 5.34 2.94
N ASP A 61 14.26 4.91 1.69
CA ASP A 61 15.35 5.03 0.74
C ASP A 61 14.94 5.92 -0.42
N VAL A 1 8.02 11.12 -0.01
CA VAL A 1 8.07 11.11 1.48
C VAL A 1 8.34 9.71 2.03
N ARG A 2 7.66 8.71 1.48
CA ARG A 2 7.77 7.35 1.97
C ARG A 2 7.10 6.37 1.02
N ARG A 3 7.76 5.25 0.75
CA ARG A 3 7.20 4.22 -0.09
C ARG A 3 7.19 2.91 0.67
N VAL A 4 6.51 1.92 0.15
CA VAL A 4 6.49 0.59 0.74
C VAL A 4 6.54 -0.46 -0.36
N LYS A 5 7.20 -1.56 -0.07
CA LYS A 5 7.30 -2.67 -1.01
C LYS A 5 6.61 -3.87 -0.39
N THR A 6 5.46 -4.21 -0.95
CA THR A 6 4.60 -5.23 -0.38
C THR A 6 5.31 -6.58 -0.23
N ILE A 7 5.18 -7.17 0.95
CA ILE A 7 5.80 -8.44 1.24
C ILE A 7 4.72 -9.52 1.48
N TYR A 8 3.47 -9.10 1.41
CA TYR A 8 2.34 -10.00 1.58
C TYR A 8 1.22 -9.64 0.60
N ASP A 9 0.51 -10.66 0.12
CA ASP A 9 -0.62 -10.48 -0.77
C ASP A 9 -1.80 -9.84 -0.04
N CYS A 10 -2.41 -8.84 -0.67
CA CYS A 10 -3.60 -8.22 -0.12
C CYS A 10 -4.69 -8.17 -1.18
N GLN A 11 -5.55 -9.17 -1.17
CA GLN A 11 -6.70 -9.21 -2.05
C GLN A 11 -7.85 -8.43 -1.44
N ALA A 12 -7.85 -7.14 -1.74
CA ALA A 12 -8.85 -6.21 -1.20
C ALA A 12 -10.25 -6.56 -1.67
N ASP A 13 -11.15 -6.65 -0.71
CA ASP A 13 -12.56 -6.87 -1.01
C ASP A 13 -13.28 -5.55 -1.16
N ASN A 14 -13.04 -4.63 -0.24
CA ASN A 14 -13.68 -3.32 -0.26
C ASN A 14 -12.92 -2.42 -1.21
N ASP A 15 -13.66 -1.70 -2.04
CA ASP A 15 -13.07 -0.84 -3.07
C ASP A 15 -12.15 0.23 -2.47
N ASP A 16 -12.36 0.53 -1.19
CA ASP A 16 -11.56 1.53 -0.51
C ASP A 16 -10.24 0.93 -0.03
N GLU A 17 -10.15 -0.39 -0.08
CA GLU A 17 -8.92 -1.10 0.19
C GLU A 17 -8.14 -1.23 -1.10
N LEU A 18 -6.82 -1.22 -1.03
CA LEU A 18 -6.01 -1.38 -2.23
C LEU A 18 -5.71 -2.85 -2.49
N THR A 19 -5.80 -3.22 -3.74
CA THR A 19 -5.50 -4.58 -4.17
C THR A 19 -4.07 -4.65 -4.69
N PHE A 20 -3.28 -5.53 -4.12
CA PHE A 20 -1.90 -5.70 -4.54
C PHE A 20 -1.40 -7.09 -4.19
N ILE A 21 -0.27 -7.47 -4.76
CA ILE A 21 0.37 -8.74 -4.42
C ILE A 21 1.80 -8.49 -3.98
N GLU A 22 2.44 -9.53 -3.44
CA GLU A 22 3.82 -9.44 -2.98
C GLU A 22 4.74 -8.98 -4.10
N GLY A 23 5.34 -7.81 -3.91
CA GLY A 23 6.29 -7.31 -4.87
C GLY A 23 5.87 -5.99 -5.49
N GLU A 24 4.72 -5.49 -5.10
CA GLU A 24 4.24 -4.22 -5.60
C GLU A 24 4.73 -3.10 -4.71
N VAL A 25 5.07 -1.97 -5.33
CA VAL A 25 5.55 -0.83 -4.59
C VAL A 25 4.47 0.24 -4.52
N ILE A 26 4.21 0.68 -3.31
CA ILE A 26 3.17 1.66 -3.04
C ILE A 26 3.79 2.93 -2.49
N ILE A 27 3.34 4.07 -2.96
CA ILE A 27 3.75 5.33 -2.38
C ILE A 27 2.75 5.76 -1.33
N VAL A 28 3.22 5.88 -0.10
CA VAL A 28 2.40 6.30 1.01
C VAL A 28 2.02 7.76 0.85
N THR A 29 0.75 8.00 0.57
CA THR A 29 0.26 9.33 0.31
C THR A 29 -0.52 9.86 1.51
N GLY A 30 -0.89 8.95 2.41
CA GLY A 30 -1.60 9.32 3.61
C GLY A 30 -1.58 8.21 4.64
N GLU A 31 -2.12 8.47 5.83
CA GLU A 31 -2.17 7.48 6.89
C GLU A 31 -3.55 7.48 7.53
N GLU A 32 -3.99 6.30 7.96
CA GLU A 32 -5.26 6.18 8.66
C GLU A 32 -5.00 5.74 10.09
N ASP A 33 -4.07 4.82 10.24
CA ASP A 33 -3.74 4.27 11.54
C ASP A 33 -2.25 3.90 11.57
N GLN A 34 -1.85 3.10 12.53
CA GLN A 34 -0.48 2.64 12.61
C GLN A 34 -0.26 1.46 11.67
N GLU A 35 -1.32 0.69 11.46
CA GLU A 35 -1.24 -0.50 10.61
C GLU A 35 -2.08 -0.32 9.36
N TRP A 36 -2.52 0.91 9.12
CA TRP A 36 -3.36 1.22 7.97
C TRP A 36 -2.95 2.54 7.35
N TRP A 37 -2.30 2.47 6.21
CA TRP A 37 -1.90 3.67 5.50
C TRP A 37 -2.68 3.80 4.20
N ILE A 38 -2.61 4.97 3.60
CA ILE A 38 -3.24 5.25 2.34
C ILE A 38 -2.16 5.57 1.31
N GLY A 39 -2.28 5.02 0.13
CA GLY A 39 -1.30 5.28 -0.88
C GLY A 39 -1.74 4.81 -2.23
N HIS A 40 -0.81 4.82 -3.17
CA HIS A 40 -1.10 4.43 -4.54
C HIS A 40 0.01 3.50 -5.06
N ILE A 41 -0.36 2.60 -5.95
CA ILE A 41 0.60 1.73 -6.61
C ILE A 41 1.45 2.53 -7.58
N GLU A 42 2.77 2.41 -7.47
CA GLU A 42 3.66 3.07 -8.41
C GLU A 42 3.47 2.49 -9.80
N GLY A 43 3.37 3.36 -10.79
CA GLY A 43 3.15 2.91 -12.15
C GLY A 43 1.68 2.93 -12.53
N GLN A 44 0.82 2.92 -11.54
CA GLN A 44 -0.63 2.98 -11.77
C GLN A 44 -1.29 3.78 -10.65
N PRO A 45 -1.36 5.10 -10.81
CA PRO A 45 -1.87 6.02 -9.78
C PRO A 45 -3.36 5.86 -9.50
N GLU A 46 -4.05 5.11 -10.34
CA GLU A 46 -5.47 4.86 -10.14
C GLU A 46 -5.69 3.81 -9.06
N ARG A 47 -4.68 2.97 -8.85
CA ARG A 47 -4.75 1.98 -7.79
C ARG A 47 -4.31 2.59 -6.47
N LYS A 48 -5.25 3.11 -5.73
CA LYS A 48 -4.97 3.67 -4.42
C LYS A 48 -5.90 3.11 -3.39
N GLY A 49 -5.61 3.38 -2.13
CA GLY A 49 -6.50 2.97 -1.07
C GLY A 49 -5.75 2.69 0.22
N VAL A 50 -6.43 2.07 1.17
CA VAL A 50 -5.80 1.70 2.42
C VAL A 50 -5.08 0.37 2.29
N PHE A 51 -3.94 0.27 2.95
CA PHE A 51 -3.17 -0.96 2.94
C PHE A 51 -2.57 -1.22 4.32
N PRO A 52 -2.70 -2.47 4.80
CA PRO A 52 -2.16 -2.89 6.09
C PRO A 52 -0.63 -2.85 6.09
N VAL A 53 -0.08 -2.12 7.04
CA VAL A 53 1.36 -1.88 7.12
C VAL A 53 2.15 -3.16 7.41
N SER A 54 1.50 -4.13 8.03
CA SER A 54 2.15 -5.40 8.33
C SER A 54 2.34 -6.23 7.06
N PHE A 55 1.74 -5.78 5.97
CA PHE A 55 1.81 -6.48 4.70
C PHE A 55 2.82 -5.82 3.77
N VAL A 56 3.40 -4.71 4.20
CA VAL A 56 4.29 -3.95 3.35
C VAL A 56 5.65 -3.75 4.00
N HIS A 57 6.63 -3.38 3.20
CA HIS A 57 7.99 -3.16 3.69
C HIS A 57 8.41 -1.73 3.36
N ILE A 58 8.50 -0.88 4.36
CA ILE A 58 8.72 0.55 4.16
C ILE A 58 10.11 0.83 3.55
N LEU A 59 10.13 1.77 2.61
CA LEU A 59 11.36 2.19 1.96
C LEU A 59 11.74 3.59 2.42
N SER A 60 12.95 3.73 2.92
CA SER A 60 13.47 5.04 3.31
C SER A 60 14.13 5.72 2.11
N ASP A 61 13.83 5.19 0.93
CA ASP A 61 14.38 5.72 -0.31
C ASP A 61 13.25 6.09 -1.26
N VAL A 1 8.53 12.08 1.30
CA VAL A 1 8.83 10.82 0.59
C VAL A 1 8.56 9.61 1.50
N ARG A 2 7.87 8.62 0.96
CA ARG A 2 7.65 7.37 1.67
C ARG A 2 7.07 6.31 0.75
N ARG A 3 7.87 5.30 0.46
CA ARG A 3 7.41 4.14 -0.28
C ARG A 3 7.42 2.91 0.59
N VAL A 4 6.60 1.93 0.23
CA VAL A 4 6.60 0.65 0.89
C VAL A 4 6.63 -0.46 -0.16
N LYS A 5 7.42 -1.48 0.08
CA LYS A 5 7.54 -2.62 -0.81
C LYS A 5 6.76 -3.79 -0.25
N THR A 6 5.63 -4.07 -0.84
CA THR A 6 4.76 -5.14 -0.39
C THR A 6 5.51 -6.48 -0.33
N ILE A 7 5.42 -7.15 0.81
CA ILE A 7 6.08 -8.43 1.00
C ILE A 7 5.06 -9.55 1.13
N TYR A 8 3.79 -9.19 1.03
CA TYR A 8 2.71 -10.16 1.09
C TYR A 8 1.68 -9.84 0.02
N ASP A 9 1.06 -10.88 -0.51
CA ASP A 9 -0.06 -10.72 -1.43
C ASP A 9 -1.32 -10.37 -0.66
N CYS A 10 -2.01 -9.32 -1.09
CA CYS A 10 -3.21 -8.88 -0.40
C CYS A 10 -4.37 -8.78 -1.38
N GLN A 11 -5.28 -9.73 -1.28
CA GLN A 11 -6.46 -9.74 -2.12
C GLN A 11 -7.59 -8.95 -1.46
N ALA A 12 -7.61 -7.65 -1.73
CA ALA A 12 -8.59 -6.75 -1.13
C ALA A 12 -10.02 -7.14 -1.51
N ASP A 13 -10.95 -6.91 -0.60
CA ASP A 13 -12.34 -7.28 -0.81
C ASP A 13 -13.21 -6.03 -0.85
N ASN A 14 -12.85 -5.05 -0.05
CA ASN A 14 -13.54 -3.77 -0.05
C ASN A 14 -12.84 -2.82 -1.01
N ASP A 15 -13.62 -2.01 -1.73
CA ASP A 15 -13.08 -1.10 -2.74
C ASP A 15 -12.13 -0.09 -2.14
N ASP A 16 -12.26 0.14 -0.83
CA ASP A 16 -11.36 1.05 -0.11
C ASP A 16 -10.00 0.40 0.10
N GLU A 17 -9.99 -0.92 0.14
CA GLU A 17 -8.76 -1.67 0.35
C GLU A 17 -7.98 -1.76 -0.95
N LEU A 18 -6.67 -1.71 -0.84
CA LEU A 18 -5.83 -1.83 -2.01
C LEU A 18 -5.42 -3.28 -2.25
N THR A 19 -5.38 -3.67 -3.51
CA THR A 19 -4.95 -5.00 -3.88
C THR A 19 -3.54 -4.94 -4.44
N PHE A 20 -2.68 -5.76 -3.91
CA PHE A 20 -1.28 -5.78 -4.32
C PHE A 20 -0.70 -7.17 -4.14
N ILE A 21 0.43 -7.39 -4.79
CA ILE A 21 1.13 -8.66 -4.72
C ILE A 21 2.52 -8.43 -4.18
N GLU A 22 3.18 -9.49 -3.73
CA GLU A 22 4.51 -9.37 -3.13
C GLU A 22 5.52 -8.87 -4.15
N GLY A 23 5.96 -7.64 -3.97
CA GLY A 23 6.95 -7.07 -4.86
C GLY A 23 6.42 -5.87 -5.59
N GLU A 24 5.26 -5.42 -5.18
CA GLU A 24 4.63 -4.26 -5.78
C GLU A 24 4.91 -3.05 -4.90
N VAL A 25 5.28 -1.94 -5.49
CA VAL A 25 5.65 -0.75 -4.74
C VAL A 25 4.42 0.11 -4.50
N ILE A 26 4.20 0.46 -3.24
CA ILE A 26 3.13 1.38 -2.90
C ILE A 26 3.73 2.70 -2.43
N ILE A 27 3.25 3.80 -2.97
CA ILE A 27 3.68 5.11 -2.53
C ILE A 27 2.71 5.62 -1.49
N VAL A 28 3.21 5.81 -0.28
CA VAL A 28 2.40 6.23 0.84
C VAL A 28 2.03 7.70 0.72
N THR A 29 0.74 7.97 0.60
CA THR A 29 0.27 9.33 0.39
C THR A 29 -0.49 9.84 1.62
N GLY A 30 -0.71 8.97 2.61
CA GLY A 30 -1.36 9.38 3.84
C GLY A 30 -1.46 8.23 4.84
N GLU A 31 -2.00 8.53 6.02
CA GLU A 31 -2.21 7.51 7.05
C GLU A 31 -3.69 7.43 7.41
N GLU A 32 -4.09 6.28 7.96
CA GLU A 32 -5.44 6.09 8.48
C GLU A 32 -5.36 5.72 9.95
N ASP A 33 -4.62 4.66 10.22
CA ASP A 33 -4.51 4.13 11.56
C ASP A 33 -3.07 3.64 11.79
N GLN A 34 -2.86 2.80 12.79
CA GLN A 34 -1.52 2.33 13.11
C GLN A 34 -1.09 1.26 12.12
N GLU A 35 -2.06 0.53 11.59
CA GLU A 35 -1.77 -0.59 10.71
C GLU A 35 -2.41 -0.40 9.34
N TRP A 36 -2.90 0.80 9.11
CA TRP A 36 -3.59 1.13 7.87
C TRP A 36 -3.16 2.49 7.36
N TRP A 37 -2.51 2.49 6.20
CA TRP A 37 -2.09 3.73 5.57
C TRP A 37 -2.80 3.91 4.24
N ILE A 38 -2.69 5.10 3.69
CA ILE A 38 -3.31 5.43 2.41
C ILE A 38 -2.23 5.71 1.39
N GLY A 39 -2.42 5.25 0.18
CA GLY A 39 -1.46 5.49 -0.86
C GLY A 39 -1.93 5.01 -2.20
N HIS A 40 -1.00 4.70 -3.07
CA HIS A 40 -1.32 4.24 -4.41
C HIS A 40 -0.23 3.29 -4.88
N ILE A 41 -0.58 2.40 -5.80
CA ILE A 41 0.39 1.51 -6.41
C ILE A 41 1.27 2.29 -7.39
N GLU A 42 2.58 2.15 -7.27
CA GLU A 42 3.51 2.78 -8.18
C GLU A 42 3.50 2.03 -9.50
N GLY A 43 3.57 2.77 -10.59
CA GLY A 43 3.44 2.18 -11.91
C GLY A 43 2.02 2.26 -12.41
N GLN A 44 1.07 2.05 -11.51
CA GLN A 44 -0.34 2.16 -11.84
C GLN A 44 -1.07 2.88 -10.71
N PRO A 45 -0.96 4.21 -10.66
CA PRO A 45 -1.46 5.02 -9.54
C PRO A 45 -2.99 5.14 -9.52
N GLU A 46 -3.65 4.28 -10.28
CA GLU A 46 -5.10 4.22 -10.26
C GLU A 46 -5.54 3.26 -9.15
N ARG A 47 -4.62 2.41 -8.74
CA ARG A 47 -4.85 1.54 -7.60
C ARG A 47 -4.49 2.27 -6.32
N LYS A 48 -5.45 2.92 -5.70
CA LYS A 48 -5.18 3.63 -4.47
C LYS A 48 -6.13 3.18 -3.36
N GLY A 49 -5.84 3.61 -2.15
CA GLY A 49 -6.71 3.30 -1.04
C GLY A 49 -5.93 2.99 0.21
N VAL A 50 -6.51 2.20 1.09
CA VAL A 50 -5.85 1.82 2.33
C VAL A 50 -5.12 0.50 2.17
N PHE A 51 -3.96 0.41 2.78
CA PHE A 51 -3.17 -0.81 2.75
C PHE A 51 -2.60 -1.12 4.12
N PRO A 52 -2.66 -2.40 4.53
CA PRO A 52 -2.14 -2.86 5.81
C PRO A 52 -0.62 -2.77 5.88
N VAL A 53 -0.14 -2.03 6.86
CA VAL A 53 1.30 -1.77 7.03
C VAL A 53 2.08 -3.06 7.29
N SER A 54 1.41 -4.04 7.87
CA SER A 54 2.06 -5.30 8.22
C SER A 54 2.38 -6.13 6.97
N PHE A 55 1.82 -5.75 5.84
CA PHE A 55 2.00 -6.50 4.60
C PHE A 55 3.05 -5.84 3.71
N VAL A 56 3.62 -4.74 4.18
CA VAL A 56 4.56 -3.97 3.36
C VAL A 56 5.89 -3.78 4.05
N HIS A 57 6.93 -3.59 3.25
CA HIS A 57 8.28 -3.36 3.76
C HIS A 57 8.70 -1.93 3.44
N ILE A 58 8.67 -1.07 4.45
CA ILE A 58 8.84 0.36 4.24
C ILE A 58 10.28 0.72 3.89
N LEU A 59 10.43 1.63 2.94
CA LEU A 59 11.75 2.04 2.45
C LEU A 59 12.23 3.29 3.17
N SER A 60 11.26 4.07 3.66
CA SER A 60 11.53 5.40 4.22
C SER A 60 12.13 6.31 3.16
N ASP A 61 11.91 5.93 1.91
CA ASP A 61 12.48 6.61 0.76
C ASP A 61 11.38 7.02 -0.20
N VAL A 1 8.61 11.62 0.18
CA VAL A 1 7.39 10.83 0.39
C VAL A 1 7.76 9.39 0.73
N ARG A 2 7.15 8.86 1.78
CA ARG A 2 7.45 7.51 2.24
C ARG A 2 6.90 6.48 1.26
N ARG A 3 7.66 5.41 1.03
CA ARG A 3 7.24 4.36 0.13
C ARG A 3 7.25 3.03 0.86
N VAL A 4 6.53 2.07 0.33
CA VAL A 4 6.51 0.72 0.88
C VAL A 4 6.57 -0.29 -0.26
N LYS A 5 7.15 -1.44 -0.01
CA LYS A 5 7.26 -2.47 -1.04
C LYS A 5 6.67 -3.76 -0.51
N THR A 6 5.51 -4.11 -1.04
CA THR A 6 4.70 -5.19 -0.52
C THR A 6 5.45 -6.52 -0.47
N ILE A 7 5.32 -7.22 0.65
CA ILE A 7 5.94 -8.52 0.84
C ILE A 7 4.88 -9.60 1.00
N TYR A 8 3.62 -9.18 0.94
CA TYR A 8 2.49 -10.09 1.06
C TYR A 8 1.38 -9.71 0.07
N ASP A 9 0.62 -10.69 -0.35
CA ASP A 9 -0.52 -10.47 -1.26
C ASP A 9 -1.71 -9.92 -0.49
N CYS A 10 -2.32 -8.89 -1.04
CA CYS A 10 -3.52 -8.30 -0.46
C CYS A 10 -4.65 -8.29 -1.47
N GLN A 11 -5.74 -8.96 -1.14
CA GLN A 11 -6.91 -8.99 -2.01
C GLN A 11 -8.03 -8.16 -1.41
N ALA A 12 -8.16 -6.94 -1.90
CA ALA A 12 -9.16 -6.00 -1.40
C ALA A 12 -10.57 -6.52 -1.67
N ASP A 13 -11.43 -6.38 -0.68
CA ASP A 13 -12.83 -6.74 -0.83
C ASP A 13 -13.67 -5.49 -0.91
N ASN A 14 -13.13 -4.43 -0.32
CA ASN A 14 -13.78 -3.13 -0.31
C ASN A 14 -13.05 -2.20 -1.27
N ASP A 15 -13.81 -1.31 -1.89
CA ASP A 15 -13.26 -0.40 -2.90
C ASP A 15 -12.34 0.64 -2.27
N ASP A 16 -12.40 0.75 -0.95
CA ASP A 16 -11.54 1.69 -0.24
C ASP A 16 -10.22 1.02 0.14
N GLU A 17 -10.14 -0.28 -0.10
CA GLU A 17 -8.92 -1.03 0.15
C GLU A 17 -8.14 -1.14 -1.16
N LEU A 18 -6.85 -1.46 -1.06
CA LEU A 18 -6.02 -1.60 -2.25
C LEU A 18 -5.69 -3.06 -2.53
N THR A 19 -5.61 -3.41 -3.81
CA THR A 19 -5.24 -4.74 -4.22
C THR A 19 -3.83 -4.74 -4.78
N PHE A 20 -3.01 -5.63 -4.26
CA PHE A 20 -1.61 -5.74 -4.65
C PHE A 20 -1.06 -7.12 -4.31
N ILE A 21 0.00 -7.52 -4.98
CA ILE A 21 0.68 -8.77 -4.67
C ILE A 21 2.09 -8.47 -4.19
N GLU A 22 2.79 -9.49 -3.70
CA GLU A 22 4.19 -9.33 -3.27
C GLU A 22 5.03 -8.76 -4.41
N GLY A 23 5.53 -7.55 -4.23
CA GLY A 23 6.37 -6.96 -5.25
C GLY A 23 5.80 -5.68 -5.82
N GLU A 24 4.70 -5.23 -5.27
CA GLU A 24 4.11 -3.97 -5.66
C GLU A 24 4.69 -2.84 -4.83
N VAL A 25 5.21 -1.83 -5.49
CA VAL A 25 5.70 -0.67 -4.78
C VAL A 25 4.54 0.30 -4.57
N ILE A 26 4.32 0.67 -3.33
CA ILE A 26 3.24 1.58 -3.00
C ILE A 26 3.81 2.84 -2.39
N ILE A 27 3.35 3.97 -2.88
CA ILE A 27 3.77 5.24 -2.31
C ILE A 27 2.74 5.70 -1.30
N VAL A 28 3.17 5.84 -0.05
CA VAL A 28 2.30 6.25 1.03
C VAL A 28 1.91 7.71 0.86
N THR A 29 0.67 7.93 0.48
CA THR A 29 0.18 9.26 0.21
C THR A 29 -0.58 9.81 1.41
N GLY A 30 -0.97 8.91 2.32
CA GLY A 30 -1.67 9.31 3.51
C GLY A 30 -1.57 8.26 4.60
N GLU A 31 -2.04 8.60 5.79
CA GLU A 31 -2.00 7.70 6.93
C GLU A 31 -3.32 7.77 7.69
N GLU A 32 -3.94 6.62 7.88
CA GLU A 32 -5.23 6.55 8.54
C GLU A 32 -5.07 6.17 10.00
N ASP A 33 -4.36 5.08 10.21
CA ASP A 33 -4.26 4.49 11.54
C ASP A 33 -2.86 3.95 11.77
N GLN A 34 -2.68 3.16 12.80
CA GLN A 34 -1.39 2.57 13.12
C GLN A 34 -1.04 1.49 12.12
N GLU A 35 -2.07 0.80 11.65
CA GLU A 35 -1.88 -0.37 10.81
C GLU A 35 -2.54 -0.19 9.46
N TRP A 36 -2.97 1.03 9.20
CA TRP A 36 -3.69 1.34 7.97
C TRP A 36 -3.21 2.64 7.37
N TRP A 37 -2.47 2.54 6.28
CA TRP A 37 -2.00 3.71 5.58
C TRP A 37 -2.71 3.84 4.24
N ILE A 38 -2.62 5.01 3.64
CA ILE A 38 -3.23 5.27 2.35
C ILE A 38 -2.13 5.52 1.33
N GLY A 39 -2.24 4.90 0.18
CA GLY A 39 -1.22 5.08 -0.82
C GLY A 39 -1.72 4.70 -2.19
N HIS A 40 -0.79 4.66 -3.12
CA HIS A 40 -1.11 4.33 -4.50
C HIS A 40 -0.07 3.37 -5.04
N ILE A 41 -0.46 2.55 -6.01
CA ILE A 41 0.47 1.66 -6.68
C ILE A 41 1.38 2.46 -7.59
N GLU A 42 2.68 2.20 -7.47
CA GLU A 42 3.68 2.86 -8.30
C GLU A 42 3.45 2.52 -9.76
N GLY A 43 3.44 3.53 -10.61
CA GLY A 43 3.17 3.34 -12.01
C GLY A 43 1.71 3.58 -12.34
N GLN A 44 0.81 3.14 -11.47
CA GLN A 44 -0.61 3.35 -11.69
C GLN A 44 -1.25 4.00 -10.46
N PRO A 45 -1.32 5.34 -10.47
CA PRO A 45 -1.84 6.11 -9.34
C PRO A 45 -3.36 6.09 -9.28
N GLU A 46 -3.97 5.33 -10.17
CA GLU A 46 -5.42 5.17 -10.16
C GLU A 46 -5.81 4.02 -9.25
N ARG A 47 -4.83 3.18 -8.91
CA ARG A 47 -5.07 2.11 -7.95
C ARG A 47 -4.55 2.55 -6.59
N LYS A 48 -5.43 3.12 -5.79
CA LYS A 48 -5.04 3.62 -4.47
C LYS A 48 -5.96 3.05 -3.40
N GLY A 49 -5.65 3.37 -2.16
CA GLY A 49 -6.54 3.00 -1.09
C GLY A 49 -5.78 2.75 0.20
N VAL A 50 -6.45 2.13 1.15
CA VAL A 50 -5.82 1.79 2.41
C VAL A 50 -5.16 0.42 2.33
N PHE A 51 -4.02 0.30 2.98
CA PHE A 51 -3.28 -0.95 3.01
C PHE A 51 -2.69 -1.19 4.38
N PRO A 52 -2.83 -2.42 4.89
CA PRO A 52 -2.26 -2.81 6.18
C PRO A 52 -0.74 -2.76 6.16
N VAL A 53 -0.19 -2.01 7.11
CA VAL A 53 1.25 -1.75 7.18
C VAL A 53 2.04 -3.06 7.37
N SER A 54 1.42 -4.04 8.01
CA SER A 54 2.09 -5.30 8.32
C SER A 54 2.21 -6.20 7.08
N PHE A 55 1.86 -5.66 5.91
CA PHE A 55 1.96 -6.41 4.66
C PHE A 55 3.02 -5.83 3.75
N VAL A 56 3.66 -4.75 4.18
CA VAL A 56 4.57 -4.03 3.31
C VAL A 56 5.96 -3.88 3.92
N HIS A 57 6.96 -3.80 3.06
CA HIS A 57 8.33 -3.57 3.48
C HIS A 57 8.70 -2.11 3.18
N ILE A 58 8.67 -1.29 4.22
CA ILE A 58 8.79 0.17 4.08
C ILE A 58 10.15 0.61 3.58
N LEU A 59 10.14 1.59 2.69
CA LEU A 59 11.34 2.27 2.22
C LEU A 59 11.39 3.64 2.85
N SER A 60 12.35 3.87 3.72
CA SER A 60 12.49 5.17 4.36
C SER A 60 13.31 6.12 3.48
N ASP A 61 13.32 5.82 2.19
CA ASP A 61 13.93 6.67 1.18
C ASP A 61 13.25 6.41 -0.15
N VAL A 1 10.16 11.37 1.15
CA VAL A 1 8.98 10.59 0.71
C VAL A 1 8.99 9.22 1.35
N ARG A 2 7.86 8.52 1.31
CA ARG A 2 7.76 7.20 1.90
C ARG A 2 7.11 6.22 0.93
N ARG A 3 7.80 5.13 0.65
CA ARG A 3 7.28 4.09 -0.22
C ARG A 3 7.35 2.77 0.52
N VAL A 4 6.55 1.81 0.10
CA VAL A 4 6.54 0.51 0.75
C VAL A 4 6.57 -0.60 -0.30
N LYS A 5 7.22 -1.69 0.05
CA LYS A 5 7.37 -2.83 -0.84
C LYS A 5 6.55 -3.99 -0.29
N THR A 6 5.38 -4.20 -0.86
CA THR A 6 4.45 -5.21 -0.35
C THR A 6 5.11 -6.58 -0.23
N ILE A 7 5.05 -7.14 0.97
CA ILE A 7 5.63 -8.45 1.24
C ILE A 7 4.53 -9.50 1.41
N TYR A 8 3.29 -9.05 1.26
CA TYR A 8 2.12 -9.93 1.35
C TYR A 8 1.16 -9.64 0.20
N ASP A 9 0.40 -10.64 -0.18
CA ASP A 9 -0.68 -10.49 -1.14
C ASP A 9 -1.93 -9.95 -0.43
N CYS A 10 -2.51 -8.90 -1.00
CA CYS A 10 -3.73 -8.31 -0.45
C CYS A 10 -4.77 -8.12 -1.53
N GLN A 11 -5.90 -8.79 -1.40
CA GLN A 11 -7.00 -8.64 -2.33
C GLN A 11 -8.17 -7.90 -1.67
N ALA A 12 -8.24 -6.62 -1.94
CA ALA A 12 -9.23 -5.73 -1.33
C ALA A 12 -10.65 -6.13 -1.70
N ASP A 13 -11.56 -6.02 -0.74
CA ASP A 13 -12.97 -6.27 -0.96
C ASP A 13 -13.67 -4.94 -1.25
N ASN A 14 -13.18 -3.89 -0.60
CA ASN A 14 -13.72 -2.55 -0.77
C ASN A 14 -12.73 -1.70 -1.55
N ASP A 15 -13.23 -0.73 -2.30
CA ASP A 15 -12.37 0.15 -3.09
C ASP A 15 -11.68 1.17 -2.19
N ASP A 16 -12.09 1.21 -0.94
CA ASP A 16 -11.40 2.01 0.07
C ASP A 16 -10.06 1.36 0.38
N GLU A 17 -9.99 0.07 0.09
CA GLU A 17 -8.80 -0.73 0.34
C GLU A 17 -8.04 -0.93 -0.96
N LEU A 18 -6.78 -1.33 -0.85
CA LEU A 18 -5.96 -1.52 -2.03
C LEU A 18 -5.67 -2.98 -2.29
N THR A 19 -5.62 -3.33 -3.58
CA THR A 19 -5.28 -4.67 -4.00
C THR A 19 -3.88 -4.68 -4.59
N PHE A 20 -3.08 -5.63 -4.14
CA PHE A 20 -1.70 -5.75 -4.56
C PHE A 20 -1.18 -7.16 -4.25
N ILE A 21 -0.08 -7.53 -4.89
CA ILE A 21 0.57 -8.79 -4.58
C ILE A 21 1.98 -8.49 -4.08
N GLU A 22 2.64 -9.49 -3.51
CA GLU A 22 4.00 -9.32 -2.99
C GLU A 22 4.92 -8.80 -4.10
N GLY A 23 5.47 -7.62 -3.89
CA GLY A 23 6.39 -7.05 -4.86
C GLY A 23 5.91 -5.72 -5.43
N GLU A 24 4.72 -5.31 -5.04
CA GLU A 24 4.17 -4.04 -5.48
C GLU A 24 4.77 -2.89 -4.70
N VAL A 25 5.09 -1.82 -5.40
CA VAL A 25 5.54 -0.60 -4.74
C VAL A 25 4.34 0.28 -4.48
N ILE A 26 4.18 0.70 -3.25
CA ILE A 26 3.12 1.62 -2.89
C ILE A 26 3.71 2.88 -2.33
N ILE A 27 3.30 4.01 -2.86
CA ILE A 27 3.75 5.28 -2.32
C ILE A 27 2.76 5.77 -1.29
N VAL A 28 3.25 5.96 -0.08
CA VAL A 28 2.44 6.40 1.04
C VAL A 28 2.00 7.85 0.84
N THR A 29 0.71 8.03 0.62
CA THR A 29 0.17 9.34 0.35
C THR A 29 -0.65 9.84 1.54
N GLY A 30 -1.02 8.91 2.42
CA GLY A 30 -1.80 9.27 3.59
C GLY A 30 -1.71 8.18 4.65
N GLU A 31 -2.33 8.43 5.80
CA GLU A 31 -2.31 7.49 6.92
C GLU A 31 -3.62 7.56 7.69
N GLU A 32 -4.20 6.40 7.98
CA GLU A 32 -5.45 6.34 8.73
C GLU A 32 -5.20 5.86 10.15
N ASP A 33 -4.46 4.76 10.26
CA ASP A 33 -4.27 4.09 11.53
C ASP A 33 -2.81 3.69 11.71
N GLN A 34 -2.50 2.94 12.77
CA GLN A 34 -1.14 2.55 13.05
C GLN A 34 -0.65 1.53 12.03
N GLU A 35 -1.57 0.69 11.57
CA GLU A 35 -1.22 -0.34 10.61
C GLU A 35 -2.08 -0.25 9.36
N TRP A 36 -2.66 0.91 9.14
CA TRP A 36 -3.49 1.14 7.96
C TRP A 36 -3.19 2.50 7.36
N TRP A 37 -2.47 2.49 6.25
CA TRP A 37 -2.08 3.72 5.59
C TRP A 37 -2.76 3.84 4.24
N ILE A 38 -2.69 5.02 3.66
CA ILE A 38 -3.29 5.28 2.37
C ILE A 38 -2.20 5.58 1.36
N GLY A 39 -2.32 5.03 0.18
CA GLY A 39 -1.32 5.27 -0.82
C GLY A 39 -1.78 4.88 -2.19
N HIS A 40 -0.83 4.81 -3.10
CA HIS A 40 -1.11 4.47 -4.48
C HIS A 40 0.00 3.56 -5.00
N ILE A 41 -0.33 2.69 -5.94
CA ILE A 41 0.67 1.83 -6.54
C ILE A 41 1.62 2.64 -7.42
N GLU A 42 2.90 2.52 -7.16
CA GLU A 42 3.91 3.16 -7.99
C GLU A 42 4.00 2.43 -9.32
N GLY A 43 3.80 3.17 -10.40
CA GLY A 43 3.72 2.56 -11.72
C GLY A 43 2.27 2.30 -12.12
N GLN A 44 1.37 2.44 -11.16
CA GLN A 44 -0.06 2.32 -11.41
C GLN A 44 -0.81 3.19 -10.41
N PRO A 45 -0.74 4.52 -10.59
CA PRO A 45 -1.27 5.48 -9.62
C PRO A 45 -2.79 5.45 -9.51
N GLU A 46 -3.44 4.79 -10.45
CA GLU A 46 -4.90 4.73 -10.47
C GLU A 46 -5.40 3.67 -9.51
N ARG A 47 -4.47 2.90 -8.93
CA ARG A 47 -4.80 1.91 -7.93
C ARG A 47 -4.37 2.42 -6.56
N LYS A 48 -5.29 3.03 -5.83
CA LYS A 48 -4.98 3.58 -4.52
C LYS A 48 -5.87 2.96 -3.45
N GLY A 49 -5.63 3.34 -2.20
CA GLY A 49 -6.49 2.91 -1.12
C GLY A 49 -5.73 2.67 0.15
N VAL A 50 -6.37 2.06 1.13
CA VAL A 50 -5.72 1.72 2.38
C VAL A 50 -5.00 0.38 2.27
N PHE A 51 -3.84 0.30 2.88
CA PHE A 51 -3.07 -0.92 2.87
C PHE A 51 -2.48 -1.18 4.25
N PRO A 52 -2.59 -2.42 4.73
CA PRO A 52 -2.02 -2.82 6.02
C PRO A 52 -0.50 -2.73 6.01
N VAL A 53 0.03 -1.97 6.96
CA VAL A 53 1.46 -1.69 7.03
C VAL A 53 2.26 -2.96 7.36
N SER A 54 1.60 -3.90 8.02
CA SER A 54 2.23 -5.18 8.36
C SER A 54 2.37 -6.06 7.13
N PHE A 55 1.76 -5.62 6.02
CA PHE A 55 1.79 -6.37 4.77
C PHE A 55 2.78 -5.74 3.78
N VAL A 56 3.44 -4.68 4.20
CA VAL A 56 4.35 -3.96 3.31
C VAL A 56 5.72 -3.79 3.94
N HIS A 57 6.74 -3.56 3.12
CA HIS A 57 8.10 -3.39 3.61
C HIS A 57 8.61 -2.00 3.23
N ILE A 58 8.62 -1.11 4.21
CA ILE A 58 8.86 0.31 3.97
C ILE A 58 10.28 0.60 3.48
N LEU A 59 10.38 1.57 2.58
CA LEU A 59 11.66 2.02 2.06
C LEU A 59 11.94 3.41 2.59
N SER A 60 13.04 3.56 3.31
CA SER A 60 13.42 4.87 3.83
C SER A 60 14.30 5.61 2.84
N ASP A 61 14.34 5.09 1.62
CA ASP A 61 15.16 5.67 0.56
C ASP A 61 14.44 5.51 -0.77
N VAL A 1 8.74 11.17 -1.09
CA VAL A 1 7.55 10.57 -0.45
C VAL A 1 7.85 9.12 -0.09
N ARG A 2 7.59 8.74 1.16
CA ARG A 2 7.92 7.40 1.62
C ARG A 2 7.10 6.36 0.87
N ARG A 3 7.72 5.25 0.57
CA ARG A 3 7.09 4.20 -0.20
C ARG A 3 7.15 2.90 0.58
N VAL A 4 6.51 1.88 0.08
CA VAL A 4 6.53 0.58 0.71
C VAL A 4 6.62 -0.52 -0.34
N LYS A 5 7.18 -1.65 0.05
CA LYS A 5 7.27 -2.81 -0.80
C LYS A 5 6.40 -3.91 -0.23
N THR A 6 5.37 -4.25 -0.95
CA THR A 6 4.45 -5.29 -0.52
C THR A 6 5.16 -6.63 -0.40
N ILE A 7 5.25 -7.14 0.81
CA ILE A 7 5.91 -8.41 1.04
C ILE A 7 4.89 -9.55 1.07
N TYR A 8 3.62 -9.18 1.16
CA TYR A 8 2.53 -10.14 1.11
C TYR A 8 1.49 -9.67 0.09
N ASP A 9 0.68 -10.59 -0.41
CA ASP A 9 -0.33 -10.23 -1.39
C ASP A 9 -1.65 -9.90 -0.68
N CYS A 10 -2.25 -8.81 -1.10
CA CYS A 10 -3.50 -8.36 -0.48
C CYS A 10 -4.61 -8.26 -1.51
N GLN A 11 -5.60 -9.13 -1.37
CA GLN A 11 -6.79 -9.07 -2.21
C GLN A 11 -7.84 -8.21 -1.53
N ALA A 12 -7.90 -6.95 -1.94
CA ALA A 12 -8.83 -5.98 -1.38
C ALA A 12 -10.27 -6.48 -1.40
N ASP A 13 -10.92 -6.38 -0.27
CA ASP A 13 -12.33 -6.72 -0.16
C ASP A 13 -13.17 -5.46 -0.28
N ASN A 14 -12.61 -4.37 0.23
CA ASN A 14 -13.27 -3.07 0.21
C ASN A 14 -12.81 -2.31 -1.04
N ASP A 15 -13.70 -1.50 -1.59
CA ASP A 15 -13.38 -0.71 -2.79
C ASP A 15 -12.41 0.43 -2.44
N ASP A 16 -12.38 0.78 -1.16
CA ASP A 16 -11.49 1.83 -0.67
C ASP A 16 -10.17 1.21 -0.22
N GLU A 17 -10.06 -0.10 -0.41
CA GLU A 17 -8.87 -0.85 -0.07
C GLU A 17 -8.07 -1.10 -1.34
N LEU A 18 -6.83 -1.55 -1.20
CA LEU A 18 -5.99 -1.75 -2.36
C LEU A 18 -5.69 -3.22 -2.62
N THR A 19 -5.69 -3.57 -3.90
CA THR A 19 -5.33 -4.91 -4.33
C THR A 19 -3.92 -4.91 -4.90
N PHE A 20 -3.09 -5.78 -4.37
CA PHE A 20 -1.70 -5.87 -4.80
C PHE A 20 -1.13 -7.24 -4.46
N ILE A 21 0.01 -7.57 -5.03
CA ILE A 21 0.68 -8.82 -4.72
C ILE A 21 2.12 -8.54 -4.28
N GLU A 22 2.76 -9.56 -3.72
CA GLU A 22 4.13 -9.42 -3.23
C GLU A 22 5.06 -8.91 -4.32
N GLY A 23 5.64 -7.75 -4.08
CA GLY A 23 6.63 -7.21 -5.01
C GLY A 23 6.23 -5.88 -5.58
N GLU A 24 5.04 -5.41 -5.22
CA GLU A 24 4.56 -4.12 -5.70
C GLU A 24 5.05 -3.00 -4.79
N VAL A 25 5.38 -1.87 -5.38
CA VAL A 25 5.77 -0.71 -4.61
C VAL A 25 4.59 0.24 -4.48
N ILE A 26 4.26 0.60 -3.26
CA ILE A 26 3.17 1.52 -3.00
C ILE A 26 3.73 2.81 -2.43
N ILE A 27 3.28 3.93 -2.95
CA ILE A 27 3.71 5.21 -2.43
C ILE A 27 2.73 5.70 -1.38
N VAL A 28 3.23 5.84 -0.16
CA VAL A 28 2.41 6.25 0.97
C VAL A 28 1.99 7.71 0.84
N THR A 29 0.71 7.91 0.59
CA THR A 29 0.19 9.24 0.34
C THR A 29 -0.70 9.70 1.49
N GLY A 30 -0.87 8.83 2.48
CA GLY A 30 -1.65 9.15 3.66
C GLY A 30 -1.48 8.10 4.75
N GLU A 31 -1.89 8.43 5.96
CA GLU A 31 -1.83 7.49 7.08
C GLU A 31 -3.12 7.53 7.88
N GLU A 32 -3.79 6.38 7.97
CA GLU A 32 -5.07 6.29 8.65
C GLU A 32 -4.89 5.85 10.08
N ASP A 33 -4.10 4.81 10.24
CA ASP A 33 -3.87 4.20 11.54
C ASP A 33 -2.40 3.84 11.68
N GLN A 34 -2.06 3.01 12.65
CA GLN A 34 -0.69 2.61 12.86
C GLN A 34 -0.32 1.51 11.88
N GLU A 35 -1.31 0.67 11.56
CA GLU A 35 -1.11 -0.46 10.68
C GLU A 35 -1.93 -0.31 9.41
N TRP A 36 -2.46 0.88 9.21
CA TRP A 36 -3.30 1.16 8.05
C TRP A 36 -2.93 2.49 7.43
N TRP A 37 -2.35 2.44 6.25
CA TRP A 37 -1.94 3.64 5.55
C TRP A 37 -2.71 3.79 4.25
N ILE A 38 -2.62 4.97 3.67
CA ILE A 38 -3.23 5.25 2.38
C ILE A 38 -2.15 5.50 1.36
N GLY A 39 -2.28 4.92 0.20
CA GLY A 39 -1.28 5.09 -0.81
C GLY A 39 -1.71 4.54 -2.15
N HIS A 40 -0.82 4.63 -3.11
CA HIS A 40 -1.11 4.24 -4.47
C HIS A 40 0.01 3.37 -5.03
N ILE A 41 -0.35 2.45 -5.91
CA ILE A 41 0.64 1.64 -6.61
C ILE A 41 1.54 2.53 -7.46
N GLU A 42 2.83 2.43 -7.21
CA GLU A 42 3.81 3.21 -7.95
C GLU A 42 3.74 2.89 -9.44
N GLY A 43 3.61 3.92 -10.25
CA GLY A 43 3.47 3.74 -11.68
C GLY A 43 2.02 3.72 -12.13
N GLN A 44 1.12 3.44 -11.21
CA GLN A 44 -0.31 3.37 -11.54
C GLN A 44 -1.15 3.95 -10.40
N PRO A 45 -1.38 5.28 -10.43
CA PRO A 45 -2.14 5.99 -9.39
C PRO A 45 -3.62 5.62 -9.39
N GLU A 46 -4.02 4.82 -10.37
CA GLU A 46 -5.39 4.33 -10.48
C GLU A 46 -5.68 3.40 -9.32
N ARG A 47 -4.65 2.70 -8.88
CA ARG A 47 -4.77 1.78 -7.78
C ARG A 47 -4.30 2.42 -6.49
N LYS A 48 -5.24 2.93 -5.71
CA LYS A 48 -4.91 3.51 -4.42
C LYS A 48 -6.02 3.33 -3.40
N GLY A 49 -5.67 3.49 -2.14
CA GLY A 49 -6.60 3.29 -1.05
C GLY A 49 -5.86 2.94 0.23
N VAL A 50 -6.52 2.24 1.14
CA VAL A 50 -5.89 1.82 2.37
C VAL A 50 -5.19 0.47 2.21
N PHE A 51 -4.05 0.33 2.85
CA PHE A 51 -3.29 -0.90 2.82
C PHE A 51 -2.66 -1.17 4.19
N PRO A 52 -2.75 -2.42 4.66
CA PRO A 52 -2.17 -2.82 5.94
C PRO A 52 -0.65 -2.79 5.92
N VAL A 53 -0.07 -2.02 6.84
CA VAL A 53 1.38 -1.83 6.90
C VAL A 53 2.08 -3.14 7.25
N SER A 54 1.34 -4.07 7.85
CA SER A 54 1.88 -5.36 8.22
C SER A 54 2.17 -6.20 6.98
N PHE A 55 1.71 -5.73 5.82
CA PHE A 55 1.90 -6.45 4.57
C PHE A 55 2.95 -5.78 3.69
N VAL A 56 3.54 -4.69 4.17
CA VAL A 56 4.45 -3.92 3.33
C VAL A 56 5.71 -3.50 4.10
N HIS A 57 6.80 -3.33 3.36
CA HIS A 57 8.07 -2.91 3.93
C HIS A 57 8.41 -1.49 3.50
N ILE A 58 8.56 -0.58 4.45
CA ILE A 58 8.73 0.84 4.12
C ILE A 58 10.11 1.13 3.55
N LEU A 59 10.12 1.87 2.45
CA LEU A 59 11.34 2.33 1.81
C LEU A 59 11.54 3.81 2.13
N SER A 60 12.78 4.21 2.37
CA SER A 60 13.05 5.61 2.67
C SER A 60 13.46 6.36 1.41
N ASP A 61 13.17 5.77 0.26
CA ASP A 61 13.47 6.38 -1.02
C ASP A 61 12.24 6.31 -1.92
N VAL A 1 9.13 11.11 0.71
CA VAL A 1 9.52 9.88 -0.02
C VAL A 1 9.06 8.65 0.75
N ARG A 2 7.84 8.71 1.25
CA ARG A 2 7.28 7.63 2.05
C ARG A 2 6.82 6.50 1.13
N ARG A 3 7.65 5.48 1.00
CA ARG A 3 7.33 4.37 0.13
C ARG A 3 7.27 3.10 0.93
N VAL A 4 6.52 2.14 0.43
CA VAL A 4 6.49 0.81 0.98
C VAL A 4 6.50 -0.19 -0.18
N LYS A 5 6.82 -1.43 0.09
CA LYS A 5 6.83 -2.45 -0.94
C LYS A 5 6.23 -3.72 -0.40
N THR A 6 5.15 -4.14 -1.01
CA THR A 6 4.38 -5.27 -0.53
C THR A 6 5.23 -6.54 -0.43
N ILE A 7 5.34 -7.06 0.78
CA ILE A 7 6.09 -8.30 1.01
C ILE A 7 5.13 -9.46 1.23
N TYR A 8 3.84 -9.16 1.24
CA TYR A 8 2.80 -10.17 1.36
C TYR A 8 1.64 -9.84 0.42
N ASP A 9 0.94 -10.86 -0.03
CA ASP A 9 -0.24 -10.69 -0.88
C ASP A 9 -1.45 -10.27 -0.05
N CYS A 10 -2.12 -9.21 -0.48
CA CYS A 10 -3.30 -8.72 0.22
C CYS A 10 -4.47 -8.62 -0.74
N GLN A 11 -5.55 -9.29 -0.40
CA GLN A 11 -6.73 -9.34 -1.24
C GLN A 11 -7.83 -8.46 -0.65
N ALA A 12 -7.95 -7.26 -1.20
CA ALA A 12 -8.93 -6.29 -0.74
C ALA A 12 -10.35 -6.81 -0.95
N ASP A 13 -11.02 -7.07 0.15
CA ASP A 13 -12.42 -7.48 0.13
C ASP A 13 -13.29 -6.26 -0.14
N ASN A 14 -12.85 -5.13 0.39
CA ASN A 14 -13.56 -3.87 0.22
C ASN A 14 -12.79 -2.98 -0.76
N ASP A 15 -13.52 -2.20 -1.55
CA ASP A 15 -12.91 -1.41 -2.62
C ASP A 15 -12.20 -0.18 -2.05
N ASP A 16 -12.43 0.11 -0.78
CA ASP A 16 -11.70 1.17 -0.09
C ASP A 16 -10.29 0.69 0.24
N GLU A 17 -10.15 -0.64 0.28
CA GLU A 17 -8.86 -1.27 0.53
C GLU A 17 -8.11 -1.44 -0.78
N LEU A 18 -6.80 -1.51 -0.70
CA LEU A 18 -5.99 -1.71 -1.89
C LEU A 18 -5.68 -3.19 -2.10
N THR A 19 -5.67 -3.61 -3.36
CA THR A 19 -5.36 -4.97 -3.70
C THR A 19 -3.98 -5.03 -4.35
N PHE A 20 -3.10 -5.83 -3.78
CA PHE A 20 -1.73 -5.94 -4.27
C PHE A 20 -1.17 -7.32 -4.01
N ILE A 21 -0.16 -7.70 -4.76
CA ILE A 21 0.56 -8.94 -4.50
C ILE A 21 2.01 -8.63 -4.17
N GLU A 22 2.73 -9.62 -3.63
CA GLU A 22 4.10 -9.43 -3.18
C GLU A 22 4.96 -8.89 -4.32
N GLY A 23 5.45 -7.68 -4.14
CA GLY A 23 6.38 -7.11 -5.10
C GLY A 23 5.87 -5.85 -5.75
N GLU A 24 4.74 -5.35 -5.30
CA GLU A 24 4.25 -4.06 -5.78
C GLU A 24 4.67 -2.96 -4.82
N VAL A 25 5.24 -1.90 -5.37
CA VAL A 25 5.68 -0.78 -4.56
C VAL A 25 4.55 0.22 -4.43
N ILE A 26 4.33 0.67 -3.20
CA ILE A 26 3.26 1.62 -2.92
C ILE A 26 3.86 2.90 -2.37
N ILE A 27 3.42 4.02 -2.89
CA ILE A 27 3.79 5.30 -2.33
C ILE A 27 2.72 5.73 -1.34
N VAL A 28 3.13 5.88 -0.09
CA VAL A 28 2.22 6.27 0.96
C VAL A 28 1.83 7.72 0.79
N THR A 29 0.59 7.95 0.41
CA THR A 29 0.10 9.30 0.16
C THR A 29 -0.64 9.81 1.40
N GLY A 30 -0.78 8.94 2.39
CA GLY A 30 -1.42 9.31 3.65
C GLY A 30 -1.35 8.19 4.67
N GLU A 31 -1.65 8.50 5.92
CA GLU A 31 -1.59 7.51 6.99
C GLU A 31 -2.81 7.65 7.89
N GLU A 32 -3.62 6.60 7.95
CA GLU A 32 -4.85 6.62 8.71
C GLU A 32 -4.61 6.14 10.12
N ASP A 33 -4.04 4.96 10.22
CA ASP A 33 -3.87 4.29 11.49
C ASP A 33 -2.42 3.83 11.63
N GLN A 34 -2.16 2.98 12.58
CA GLN A 34 -0.82 2.47 12.80
C GLN A 34 -0.52 1.37 11.78
N GLU A 35 -1.54 0.59 11.46
CA GLU A 35 -1.38 -0.53 10.56
C GLU A 35 -2.20 -0.32 9.29
N TRP A 36 -2.66 0.90 9.10
CA TRP A 36 -3.53 1.23 7.97
C TRP A 36 -3.13 2.56 7.35
N TRP A 37 -2.48 2.47 6.21
CA TRP A 37 -2.03 3.66 5.51
C TRP A 37 -2.77 3.82 4.19
N ILE A 38 -2.62 4.98 3.57
CA ILE A 38 -3.25 5.27 2.30
C ILE A 38 -2.16 5.55 1.29
N GLY A 39 -2.32 5.03 0.09
CA GLY A 39 -1.33 5.25 -0.92
C GLY A 39 -1.76 4.74 -2.27
N HIS A 40 -0.81 4.68 -3.18
CA HIS A 40 -1.07 4.24 -4.54
C HIS A 40 0.04 3.29 -5.00
N ILE A 41 -0.28 2.40 -5.91
CA ILE A 41 0.71 1.52 -6.51
C ILE A 41 1.57 2.30 -7.51
N GLU A 42 2.88 2.11 -7.43
CA GLU A 42 3.80 2.74 -8.37
C GLU A 42 3.63 2.11 -9.76
N GLY A 43 3.59 2.96 -10.78
CA GLY A 43 3.36 2.47 -12.13
C GLY A 43 1.88 2.23 -12.39
N GLN A 44 1.12 2.14 -11.31
CA GLN A 44 -0.31 1.91 -11.39
C GLN A 44 -1.03 2.83 -10.41
N PRO A 45 -1.01 4.15 -10.67
CA PRO A 45 -1.58 5.15 -9.75
C PRO A 45 -3.10 5.07 -9.67
N GLU A 46 -3.68 4.21 -10.50
CA GLU A 46 -5.11 3.98 -10.48
C GLU A 46 -5.47 2.98 -9.38
N ARG A 47 -4.43 2.37 -8.82
CA ARG A 47 -4.59 1.50 -7.67
C ARG A 47 -4.21 2.24 -6.40
N LYS A 48 -5.21 2.77 -5.70
CA LYS A 48 -4.94 3.42 -4.43
C LYS A 48 -5.86 2.87 -3.36
N GLY A 49 -5.68 3.35 -2.13
CA GLY A 49 -6.58 3.01 -1.06
C GLY A 49 -5.86 2.77 0.24
N VAL A 50 -6.54 2.17 1.20
CA VAL A 50 -5.91 1.82 2.46
C VAL A 50 -5.29 0.44 2.37
N PHE A 51 -4.08 0.32 2.90
CA PHE A 51 -3.36 -0.94 2.89
C PHE A 51 -2.75 -1.22 4.26
N PRO A 52 -2.80 -2.48 4.69
CA PRO A 52 -2.25 -2.91 5.97
C PRO A 52 -0.71 -2.85 5.96
N VAL A 53 -0.17 -2.10 6.90
CA VAL A 53 1.27 -1.87 6.99
C VAL A 53 2.03 -3.17 7.29
N SER A 54 1.33 -4.11 7.90
CA SER A 54 1.93 -5.39 8.28
C SER A 54 2.25 -6.24 7.05
N PHE A 55 1.84 -5.78 5.88
CA PHE A 55 2.05 -6.52 4.64
C PHE A 55 3.05 -5.82 3.73
N VAL A 56 3.61 -4.70 4.19
CA VAL A 56 4.47 -3.90 3.34
C VAL A 56 5.84 -3.65 3.96
N HIS A 57 6.84 -3.48 3.11
CA HIS A 57 8.20 -3.22 3.52
C HIS A 57 8.56 -1.77 3.21
N ILE A 58 8.74 -0.95 4.24
CA ILE A 58 8.92 0.49 4.05
C ILE A 58 10.29 0.82 3.43
N LEU A 59 10.31 1.85 2.57
CA LEU A 59 11.53 2.31 1.93
C LEU A 59 11.80 3.77 2.30
N SER A 60 12.51 4.00 3.38
CA SER A 60 12.91 5.35 3.73
C SER A 60 14.26 5.69 3.07
N ASP A 61 14.39 5.28 1.81
CA ASP A 61 15.62 5.48 1.05
C ASP A 61 15.50 6.71 0.15
N VAL A 1 7.55 11.81 0.78
CA VAL A 1 6.86 10.73 0.04
C VAL A 1 7.49 9.37 0.32
N ARG A 2 6.89 8.66 1.25
CA ARG A 2 7.41 7.36 1.67
C ARG A 2 6.89 6.25 0.76
N ARG A 3 7.68 5.20 0.60
CA ARG A 3 7.28 4.06 -0.19
C ARG A 3 7.27 2.81 0.67
N VAL A 4 6.47 1.85 0.27
CA VAL A 4 6.45 0.55 0.89
C VAL A 4 6.47 -0.52 -0.20
N LYS A 5 7.24 -1.56 0.01
CA LYS A 5 7.38 -2.62 -0.97
C LYS A 5 6.73 -3.88 -0.44
N THR A 6 5.58 -4.19 -0.99
CA THR A 6 4.72 -5.25 -0.49
C THR A 6 5.42 -6.60 -0.42
N ILE A 7 5.38 -7.20 0.76
CA ILE A 7 5.98 -8.51 0.99
C ILE A 7 4.89 -9.55 1.24
N TYR A 8 3.65 -9.09 1.20
CA TYR A 8 2.49 -9.96 1.28
C TYR A 8 1.46 -9.51 0.27
N ASP A 9 0.81 -10.46 -0.37
CA ASP A 9 -0.24 -10.13 -1.32
C ASP A 9 -1.52 -9.78 -0.58
N CYS A 10 -2.14 -8.70 -1.00
CA CYS A 10 -3.39 -8.27 -0.39
C CYS A 10 -4.49 -8.25 -1.44
N GLN A 11 -5.22 -9.35 -1.50
CA GLN A 11 -6.37 -9.44 -2.37
C GLN A 11 -7.58 -8.85 -1.67
N ALA A 12 -7.74 -7.54 -1.84
CA ALA A 12 -8.77 -6.78 -1.16
C ALA A 12 -10.17 -7.34 -1.40
N ASP A 13 -10.90 -7.55 -0.32
CA ASP A 13 -12.28 -7.98 -0.40
C ASP A 13 -13.19 -6.76 -0.51
N ASN A 14 -12.74 -5.66 0.06
CA ASN A 14 -13.47 -4.40 -0.01
C ASN A 14 -12.80 -3.49 -1.02
N ASP A 15 -13.60 -2.73 -1.77
CA ASP A 15 -13.09 -1.83 -2.80
C ASP A 15 -12.35 -0.65 -2.16
N ASP A 16 -12.59 -0.44 -0.87
CA ASP A 16 -11.91 0.62 -0.12
C ASP A 16 -10.46 0.22 0.16
N GLU A 17 -10.24 -1.09 0.26
CA GLU A 17 -8.92 -1.65 0.48
C GLU A 17 -8.15 -1.68 -0.84
N LEU A 18 -6.85 -1.50 -0.77
CA LEU A 18 -6.03 -1.58 -1.96
C LEU A 18 -5.70 -3.02 -2.31
N THR A 19 -5.66 -3.32 -3.60
CA THR A 19 -5.34 -4.66 -4.05
C THR A 19 -3.94 -4.65 -4.66
N PHE A 20 -3.09 -5.51 -4.14
CA PHE A 20 -1.71 -5.60 -4.60
C PHE A 20 -1.16 -6.98 -4.32
N ILE A 21 -0.07 -7.33 -4.99
CA ILE A 21 0.60 -8.59 -4.72
C ILE A 21 2.04 -8.30 -4.31
N GLU A 22 2.75 -9.33 -3.87
CA GLU A 22 4.14 -9.19 -3.44
C GLU A 22 4.98 -8.60 -4.57
N GLY A 23 5.56 -7.44 -4.30
CA GLY A 23 6.44 -6.81 -5.26
C GLY A 23 5.95 -5.46 -5.73
N GLU A 24 4.77 -5.07 -5.28
CA GLU A 24 4.22 -3.77 -5.63
C GLU A 24 4.82 -2.69 -4.74
N VAL A 25 5.30 -1.63 -5.37
CA VAL A 25 5.78 -0.48 -4.62
C VAL A 25 4.65 0.52 -4.47
N ILE A 26 4.29 0.77 -3.24
CA ILE A 26 3.21 1.68 -2.93
C ILE A 26 3.77 2.96 -2.34
N ILE A 27 3.32 4.09 -2.84
CA ILE A 27 3.71 5.36 -2.26
C ILE A 27 2.68 5.81 -1.26
N VAL A 28 3.12 5.98 -0.02
CA VAL A 28 2.26 6.42 1.07
C VAL A 28 1.86 7.87 0.87
N THR A 29 0.60 8.09 0.56
CA THR A 29 0.07 9.42 0.28
C THR A 29 -0.78 9.90 1.45
N GLY A 30 -1.17 8.97 2.32
CA GLY A 30 -1.97 9.30 3.48
C GLY A 30 -1.81 8.28 4.58
N GLU A 31 -2.40 8.54 5.74
CA GLU A 31 -2.28 7.65 6.89
C GLU A 31 -3.59 7.60 7.67
N GLU A 32 -4.02 6.39 8.01
CA GLU A 32 -5.24 6.20 8.80
C GLU A 32 -4.88 5.77 10.22
N ASP A 33 -3.96 4.82 10.30
CA ASP A 33 -3.49 4.31 11.58
C ASP A 33 -2.02 3.91 11.43
N GLN A 34 -1.44 3.24 12.41
CA GLN A 34 -0.04 2.85 12.31
C GLN A 34 0.08 1.58 11.48
N GLU A 35 -1.04 0.87 11.33
CA GLU A 35 -1.04 -0.37 10.56
C GLU A 35 -1.92 -0.24 9.34
N TRP A 36 -2.35 0.99 9.09
CA TRP A 36 -3.23 1.29 7.95
C TRP A 36 -2.84 2.61 7.33
N TRP A 37 -2.18 2.54 6.19
CA TRP A 37 -1.79 3.72 5.47
C TRP A 37 -2.57 3.83 4.17
N ILE A 38 -2.55 5.01 3.58
CA ILE A 38 -3.21 5.26 2.32
C ILE A 38 -2.17 5.58 1.28
N GLY A 39 -2.30 5.02 0.10
CA GLY A 39 -1.31 5.27 -0.91
C GLY A 39 -1.76 4.84 -2.27
N HIS A 40 -0.81 4.76 -3.18
CA HIS A 40 -1.11 4.41 -4.57
C HIS A 40 -0.05 3.45 -5.09
N ILE A 41 -0.43 2.61 -6.05
CA ILE A 41 0.50 1.72 -6.70
C ILE A 41 1.38 2.50 -7.69
N GLU A 42 2.70 2.37 -7.57
CA GLU A 42 3.61 3.00 -8.50
C GLU A 42 3.39 2.48 -9.91
N GLY A 43 3.23 3.40 -10.86
CA GLY A 43 2.99 3.02 -12.24
C GLY A 43 1.51 3.00 -12.58
N GLN A 44 0.68 2.87 -11.56
CA GLN A 44 -0.76 2.90 -11.75
C GLN A 44 -1.40 3.64 -10.58
N PRO A 45 -1.29 4.99 -10.60
CA PRO A 45 -1.72 5.84 -9.48
C PRO A 45 -3.24 5.96 -9.36
N GLU A 46 -3.95 5.12 -10.09
CA GLU A 46 -5.39 5.05 -9.97
C GLU A 46 -5.78 3.98 -8.95
N ARG A 47 -4.89 2.99 -8.80
CA ARG A 47 -5.10 1.95 -7.82
C ARG A 47 -4.57 2.42 -6.47
N LYS A 48 -5.44 3.09 -5.71
CA LYS A 48 -5.07 3.62 -4.42
C LYS A 48 -5.97 3.08 -3.34
N GLY A 49 -5.70 3.44 -2.10
CA GLY A 49 -6.60 3.08 -1.03
C GLY A 49 -5.88 2.80 0.27
N VAL A 50 -6.55 2.12 1.18
CA VAL A 50 -5.93 1.77 2.45
C VAL A 50 -5.23 0.41 2.34
N PHE A 51 -4.06 0.32 2.94
CA PHE A 51 -3.30 -0.91 2.92
C PHE A 51 -2.67 -1.17 4.28
N PRO A 52 -2.77 -2.42 4.76
CA PRO A 52 -2.18 -2.81 6.03
C PRO A 52 -0.66 -2.77 5.99
N VAL A 53 -0.09 -1.98 6.89
CA VAL A 53 1.34 -1.74 6.95
C VAL A 53 2.08 -3.01 7.36
N SER A 54 1.38 -3.92 8.00
CA SER A 54 1.96 -5.17 8.44
C SER A 54 2.22 -6.12 7.26
N PHE A 55 1.84 -5.67 6.07
CA PHE A 55 2.00 -6.48 4.86
C PHE A 55 3.05 -5.90 3.93
N VAL A 56 3.67 -4.80 4.32
CA VAL A 56 4.58 -4.10 3.42
C VAL A 56 5.97 -3.95 4.03
N HIS A 57 6.96 -3.97 3.15
CA HIS A 57 8.35 -3.77 3.54
C HIS A 57 8.71 -2.31 3.25
N ILE A 58 8.70 -1.49 4.28
CA ILE A 58 8.80 -0.05 4.13
C ILE A 58 10.19 0.41 3.72
N LEU A 59 10.24 1.44 2.89
CA LEU A 59 11.49 2.02 2.47
C LEU A 59 11.68 3.35 3.17
N SER A 60 12.77 3.49 3.91
CA SER A 60 13.07 4.73 4.59
C SER A 60 13.80 5.69 3.66
N ASP A 61 13.75 5.35 2.37
CA ASP A 61 14.39 6.14 1.33
C ASP A 61 13.36 6.95 0.58
N VAL A 1 9.07 10.62 0.00
CA VAL A 1 9.69 10.45 1.34
C VAL A 1 9.45 9.04 1.86
N ARG A 2 8.20 8.59 1.85
CA ARG A 2 7.86 7.30 2.39
C ARG A 2 7.16 6.42 1.35
N ARG A 3 7.83 5.35 0.95
CA ARG A 3 7.23 4.38 0.07
C ARG A 3 7.24 3.05 0.79
N VAL A 4 6.54 2.08 0.27
CA VAL A 4 6.51 0.74 0.82
C VAL A 4 6.56 -0.27 -0.32
N LYS A 5 6.89 -1.50 0.00
CA LYS A 5 6.94 -2.56 -0.98
C LYS A 5 6.36 -3.82 -0.39
N THR A 6 5.27 -4.25 -0.95
CA THR A 6 4.48 -5.34 -0.40
C THR A 6 5.29 -6.63 -0.28
N ILE A 7 5.34 -7.18 0.92
CA ILE A 7 6.02 -8.44 1.17
C ILE A 7 5.02 -9.57 1.35
N TYR A 8 3.74 -9.20 1.27
CA TYR A 8 2.64 -10.15 1.34
C TYR A 8 1.59 -9.72 0.34
N ASP A 9 0.74 -10.65 -0.06
CA ASP A 9 -0.32 -10.33 -1.00
C ASP A 9 -1.57 -9.90 -0.25
N CYS A 10 -2.24 -8.90 -0.79
CA CYS A 10 -3.46 -8.39 -0.19
C CYS A 10 -4.60 -8.39 -1.21
N GLN A 11 -5.62 -9.17 -0.92
CA GLN A 11 -6.78 -9.27 -1.79
C GLN A 11 -7.91 -8.41 -1.24
N ALA A 12 -7.99 -7.18 -1.73
CA ALA A 12 -8.99 -6.22 -1.28
C ALA A 12 -10.40 -6.68 -1.63
N ASP A 13 -11.19 -6.93 -0.60
CA ASP A 13 -12.60 -7.28 -0.79
C ASP A 13 -13.46 -6.03 -0.69
N ASN A 14 -12.80 -4.90 -0.48
CA ASN A 14 -13.46 -3.60 -0.48
C ASN A 14 -12.69 -2.67 -1.41
N ASP A 15 -13.40 -1.94 -2.25
CA ASP A 15 -12.76 -1.14 -3.31
C ASP A 15 -12.00 0.05 -2.74
N ASP A 16 -12.26 0.37 -1.47
CA ASP A 16 -11.55 1.46 -0.81
C ASP A 16 -10.19 0.97 -0.32
N GLU A 17 -10.04 -0.35 -0.24
CA GLU A 17 -8.77 -0.97 0.08
C GLU A 17 -7.91 -1.04 -1.19
N LEU A 18 -6.80 -1.77 -1.13
CA LEU A 18 -5.99 -1.98 -2.31
C LEU A 18 -5.65 -3.45 -2.50
N THR A 19 -5.68 -3.89 -3.75
CA THR A 19 -5.33 -5.25 -4.10
C THR A 19 -3.93 -5.28 -4.70
N PHE A 20 -3.07 -6.08 -4.11
CA PHE A 20 -1.69 -6.19 -4.57
C PHE A 20 -1.12 -7.56 -4.18
N ILE A 21 0.00 -7.92 -4.78
CA ILE A 21 0.69 -9.14 -4.43
C ILE A 21 2.12 -8.80 -4.01
N GLU A 22 2.81 -9.76 -3.42
CA GLU A 22 4.18 -9.55 -2.94
C GLU A 22 5.07 -9.04 -4.07
N GLY A 23 5.60 -7.84 -3.88
CA GLY A 23 6.53 -7.28 -4.85
C GLY A 23 6.04 -5.98 -5.46
N GLU A 24 4.85 -5.56 -5.09
CA GLU A 24 4.31 -4.31 -5.60
C GLU A 24 4.82 -3.14 -4.77
N VAL A 25 5.31 -2.11 -5.45
CA VAL A 25 5.74 -0.91 -4.77
C VAL A 25 4.55 0.02 -4.61
N ILE A 26 4.42 0.59 -3.43
CA ILE A 26 3.33 1.51 -3.13
C ILE A 26 3.89 2.79 -2.52
N ILE A 27 3.37 3.93 -2.91
CA ILE A 27 3.80 5.19 -2.32
C ILE A 27 2.78 5.62 -1.28
N VAL A 28 3.28 5.82 -0.05
CA VAL A 28 2.42 6.24 1.05
C VAL A 28 2.01 7.70 0.86
N THR A 29 0.73 7.91 0.63
CA THR A 29 0.23 9.24 0.36
C THR A 29 -0.54 9.79 1.57
N GLY A 30 -0.93 8.89 2.47
CA GLY A 30 -1.65 9.30 3.67
C GLY A 30 -1.64 8.23 4.75
N GLU A 31 -2.23 8.52 5.90
CA GLU A 31 -2.30 7.57 7.00
C GLU A 31 -3.69 7.59 7.64
N GLU A 32 -4.24 6.42 7.89
CA GLU A 32 -5.55 6.29 8.53
C GLU A 32 -5.39 5.79 9.94
N ASP A 33 -4.65 4.71 10.08
CA ASP A 33 -4.45 4.08 11.37
C ASP A 33 -2.99 3.64 11.47
N GLN A 34 -2.60 3.04 12.59
CA GLN A 34 -1.21 2.68 12.82
C GLN A 34 -0.85 1.44 12.02
N GLU A 35 -1.87 0.71 11.56
CA GLU A 35 -1.66 -0.48 10.76
C GLU A 35 -2.35 -0.36 9.41
N TRP A 36 -2.84 0.84 9.14
CA TRP A 36 -3.58 1.11 7.90
C TRP A 36 -3.19 2.47 7.33
N TRP A 37 -2.46 2.46 6.24
CA TRP A 37 -2.04 3.69 5.59
C TRP A 37 -2.76 3.85 4.27
N ILE A 38 -2.66 5.03 3.69
CA ILE A 38 -3.25 5.32 2.40
C ILE A 38 -2.15 5.56 1.40
N GLY A 39 -2.29 4.98 0.23
CA GLY A 39 -1.29 5.13 -0.77
C GLY A 39 -1.71 4.54 -2.08
N HIS A 40 -0.84 4.61 -3.05
CA HIS A 40 -1.15 4.15 -4.40
C HIS A 40 -0.04 3.26 -4.93
N ILE A 41 -0.40 2.33 -5.80
CA ILE A 41 0.57 1.51 -6.50
C ILE A 41 1.51 2.41 -7.30
N GLU A 42 2.79 2.25 -7.06
CA GLU A 42 3.79 3.00 -7.78
C GLU A 42 3.79 2.58 -9.25
N GLY A 43 3.73 3.57 -10.14
CA GLY A 43 3.62 3.27 -11.56
C GLY A 43 2.19 3.29 -12.05
N GLN A 44 1.24 3.37 -11.10
CA GLN A 44 -0.18 3.48 -11.44
C GLN A 44 -0.97 3.98 -10.23
N PRO A 45 -1.10 5.31 -10.10
CA PRO A 45 -1.80 5.95 -8.97
C PRO A 45 -3.30 5.62 -8.95
N GLU A 46 -3.76 4.97 -10.01
CA GLU A 46 -5.14 4.56 -10.13
C GLU A 46 -5.49 3.60 -9.02
N ARG A 47 -4.57 2.69 -8.75
CA ARG A 47 -4.77 1.71 -7.72
C ARG A 47 -4.33 2.28 -6.38
N LYS A 48 -5.24 2.93 -5.68
CA LYS A 48 -4.90 3.50 -4.38
C LYS A 48 -6.01 3.28 -3.37
N GLY A 49 -5.69 3.52 -2.10
CA GLY A 49 -6.62 3.32 -1.03
C GLY A 49 -5.90 3.02 0.26
N VAL A 50 -6.54 2.28 1.15
CA VAL A 50 -5.90 1.88 2.39
C VAL A 50 -5.23 0.52 2.24
N PHE A 51 -4.06 0.39 2.85
CA PHE A 51 -3.31 -0.86 2.82
C PHE A 51 -2.68 -1.13 4.17
N PRO A 52 -2.77 -2.39 4.63
CA PRO A 52 -2.21 -2.81 5.91
C PRO A 52 -0.68 -2.70 5.93
N VAL A 53 -0.16 -1.96 6.89
CA VAL A 53 1.27 -1.67 6.97
C VAL A 53 2.08 -2.95 7.25
N SER A 54 1.43 -3.92 7.86
CA SER A 54 2.07 -5.17 8.22
C SER A 54 2.42 -6.01 6.99
N PHE A 55 1.82 -5.67 5.85
CA PHE A 55 2.01 -6.42 4.63
C PHE A 55 3.07 -5.80 3.73
N VAL A 56 3.68 -4.70 4.17
CA VAL A 56 4.59 -3.96 3.31
C VAL A 56 5.93 -3.67 3.98
N HIS A 57 6.98 -3.63 3.17
CA HIS A 57 8.32 -3.30 3.64
C HIS A 57 8.66 -1.87 3.24
N ILE A 58 8.94 -1.03 4.21
CA ILE A 58 9.07 0.40 3.95
C ILE A 58 10.37 0.75 3.25
N LEU A 59 10.25 1.63 2.26
CA LEU A 59 11.39 2.15 1.53
C LEU A 59 11.69 3.54 2.05
N SER A 60 12.86 3.72 2.61
CA SER A 60 13.24 5.01 3.15
C SER A 60 13.94 5.84 2.06
N ASP A 61 13.42 5.72 0.84
CA ASP A 61 13.97 6.39 -0.31
C ASP A 61 12.88 6.54 -1.37
N VAL A 1 10.34 9.66 -0.14
CA VAL A 1 10.49 9.79 1.33
C VAL A 1 9.74 8.68 2.07
N ARG A 2 8.57 8.27 1.54
CA ARG A 2 7.78 7.25 2.20
C ARG A 2 7.12 6.33 1.18
N ARG A 3 7.74 5.18 0.96
CA ARG A 3 7.22 4.16 0.09
C ARG A 3 7.16 2.86 0.87
N VAL A 4 6.51 1.85 0.32
CA VAL A 4 6.50 0.53 0.92
C VAL A 4 6.63 -0.53 -0.17
N LYS A 5 7.33 -1.61 0.14
CA LYS A 5 7.53 -2.71 -0.79
C LYS A 5 6.73 -3.89 -0.33
N THR A 6 5.66 -4.16 -1.03
CA THR A 6 4.74 -5.21 -0.67
C THR A 6 5.44 -6.56 -0.51
N ILE A 7 5.50 -7.06 0.72
CA ILE A 7 6.19 -8.31 1.01
C ILE A 7 5.19 -9.44 1.18
N TYR A 8 3.92 -9.13 0.93
CA TYR A 8 2.85 -10.11 0.99
C TYR A 8 1.81 -9.80 -0.08
N ASP A 9 1.30 -10.84 -0.71
CA ASP A 9 0.18 -10.72 -1.64
C ASP A 9 -1.08 -10.34 -0.89
N CYS A 10 -1.64 -9.18 -1.22
CA CYS A 10 -2.83 -8.70 -0.53
C CYS A 10 -4.01 -8.58 -1.48
N GLN A 11 -4.95 -9.49 -1.33
CA GLN A 11 -6.20 -9.45 -2.08
C GLN A 11 -7.27 -8.73 -1.26
N ALA A 12 -7.40 -7.43 -1.51
CA ALA A 12 -8.36 -6.58 -0.81
C ALA A 12 -9.77 -7.15 -0.92
N ASP A 13 -10.55 -6.93 0.13
CA ASP A 13 -11.93 -7.41 0.16
C ASP A 13 -12.86 -6.31 -0.31
N ASN A 14 -12.51 -5.08 0.03
CA ASN A 14 -13.23 -3.90 -0.43
C ASN A 14 -12.34 -3.08 -1.35
N ASP A 15 -12.95 -2.25 -2.18
CA ASP A 15 -12.21 -1.34 -3.07
C ASP A 15 -11.56 -0.24 -2.26
N ASP A 16 -12.04 -0.07 -1.04
CA ASP A 16 -11.48 0.91 -0.10
C ASP A 16 -10.08 0.48 0.29
N GLU A 17 -9.88 -0.83 0.32
CA GLU A 17 -8.57 -1.41 0.59
C GLU A 17 -7.80 -1.52 -0.71
N LEU A 18 -6.49 -1.49 -0.63
CA LEU A 18 -5.68 -1.58 -1.82
C LEU A 18 -5.32 -3.03 -2.14
N THR A 19 -5.39 -3.35 -3.42
CA THR A 19 -5.06 -4.69 -3.88
C THR A 19 -3.70 -4.67 -4.55
N PHE A 20 -2.79 -5.45 -4.02
CA PHE A 20 -1.43 -5.46 -4.49
C PHE A 20 -0.81 -6.84 -4.38
N ILE A 21 0.22 -7.09 -5.15
CA ILE A 21 0.91 -8.36 -5.11
C ILE A 21 2.35 -8.17 -4.66
N GLU A 22 2.92 -9.25 -4.15
CA GLU A 22 4.24 -9.23 -3.55
C GLU A 22 5.29 -8.75 -4.53
N GLY A 23 5.92 -7.63 -4.21
CA GLY A 23 7.00 -7.12 -5.02
C GLY A 23 6.71 -5.76 -5.62
N GLU A 24 5.52 -5.24 -5.38
CA GLU A 24 5.16 -3.95 -5.94
C GLU A 24 5.48 -2.80 -4.99
N VAL A 25 5.58 -1.61 -5.56
CA VAL A 25 5.84 -0.41 -4.82
C VAL A 25 4.56 0.34 -4.55
N ILE A 26 4.32 0.65 -3.30
CA ILE A 26 3.22 1.52 -2.94
C ILE A 26 3.78 2.79 -2.35
N ILE A 27 3.33 3.92 -2.85
CA ILE A 27 3.76 5.19 -2.32
C ILE A 27 2.72 5.71 -1.35
N VAL A 28 3.17 5.92 -0.12
CA VAL A 28 2.29 6.37 0.94
C VAL A 28 1.90 7.83 0.73
N THR A 29 0.63 8.04 0.45
CA THR A 29 0.12 9.36 0.17
C THR A 29 -0.73 9.87 1.35
N GLY A 30 -0.88 9.01 2.35
CA GLY A 30 -1.61 9.38 3.54
C GLY A 30 -1.57 8.28 4.60
N GLU A 31 -2.10 8.57 5.77
CA GLU A 31 -2.16 7.60 6.86
C GLU A 31 -3.49 7.74 7.57
N GLU A 32 -4.15 6.63 7.91
CA GLU A 32 -5.44 6.74 8.58
C GLU A 32 -5.43 5.97 9.90
N ASP A 33 -4.45 5.09 10.05
CA ASP A 33 -4.29 4.30 11.26
C ASP A 33 -2.81 4.03 11.47
N GLN A 34 -2.46 3.18 12.41
CA GLN A 34 -1.07 2.86 12.65
C GLN A 34 -0.66 1.63 11.84
N GLU A 35 -1.64 0.80 11.51
CA GLU A 35 -1.39 -0.38 10.70
C GLU A 35 -2.13 -0.27 9.38
N TRP A 36 -2.66 0.92 9.13
CA TRP A 36 -3.45 1.18 7.94
C TRP A 36 -3.08 2.53 7.33
N TRP A 37 -2.36 2.48 6.24
CA TRP A 37 -1.93 3.69 5.56
C TRP A 37 -2.63 3.83 4.23
N ILE A 38 -2.56 5.02 3.67
CA ILE A 38 -3.19 5.31 2.41
C ILE A 38 -2.13 5.59 1.37
N GLY A 39 -2.26 4.96 0.23
CA GLY A 39 -1.27 5.11 -0.80
C GLY A 39 -1.71 4.49 -2.09
N HIS A 40 -0.83 4.51 -3.07
CA HIS A 40 -1.17 4.06 -4.42
C HIS A 40 -0.12 3.11 -4.95
N ILE A 41 -0.54 2.22 -5.85
CA ILE A 41 0.37 1.36 -6.56
C ILE A 41 1.18 2.18 -7.55
N GLU A 42 2.49 2.13 -7.45
CA GLU A 42 3.35 2.84 -8.37
C GLU A 42 3.25 2.19 -9.75
N GLY A 43 3.17 3.00 -10.78
CA GLY A 43 2.90 2.50 -12.11
C GLY A 43 1.43 2.58 -12.46
N GLN A 44 0.58 2.60 -11.45
CA GLN A 44 -0.85 2.77 -11.66
C GLN A 44 -1.46 3.56 -10.49
N PRO A 45 -1.32 4.89 -10.51
CA PRO A 45 -1.76 5.75 -9.41
C PRO A 45 -3.28 5.77 -9.24
N GLU A 46 -3.98 5.11 -10.15
CA GLU A 46 -5.43 5.01 -10.08
C GLU A 46 -5.84 4.05 -8.98
N ARG A 47 -4.97 3.09 -8.71
CA ARG A 47 -5.24 2.09 -7.71
C ARG A 47 -4.66 2.53 -6.37
N LYS A 48 -5.46 3.20 -5.58
CA LYS A 48 -5.02 3.67 -4.28
C LYS A 48 -6.11 3.51 -3.24
N GLY A 49 -5.71 3.54 -1.98
CA GLY A 49 -6.63 3.33 -0.89
C GLY A 49 -5.89 3.01 0.39
N VAL A 50 -6.52 2.27 1.28
CA VAL A 50 -5.87 1.89 2.52
C VAL A 50 -5.28 0.50 2.41
N PHE A 51 -4.03 0.38 2.84
CA PHE A 51 -3.34 -0.88 2.79
C PHE A 51 -2.71 -1.17 4.15
N PRO A 52 -2.76 -2.44 4.56
CA PRO A 52 -2.18 -2.88 5.82
C PRO A 52 -0.66 -2.78 5.83
N VAL A 53 -0.14 -2.02 6.77
CA VAL A 53 1.30 -1.76 6.86
C VAL A 53 2.05 -3.05 7.22
N SER A 54 1.36 -3.98 7.84
CA SER A 54 1.95 -5.24 8.28
C SER A 54 2.09 -6.21 7.10
N PHE A 55 1.86 -5.71 5.88
CA PHE A 55 1.99 -6.52 4.68
C PHE A 55 3.03 -5.92 3.73
N VAL A 56 3.64 -4.81 4.13
CA VAL A 56 4.56 -4.11 3.25
C VAL A 56 5.89 -3.83 3.94
N HIS A 57 6.91 -3.52 3.15
CA HIS A 57 8.24 -3.29 3.68
C HIS A 57 8.67 -1.86 3.37
N ILE A 58 8.62 -1.02 4.38
CA ILE A 58 8.78 0.42 4.20
C ILE A 58 10.15 0.81 3.63
N LEU A 59 10.10 1.66 2.63
CA LEU A 59 11.30 2.25 2.04
C LEU A 59 11.51 3.62 2.68
N SER A 60 12.75 3.93 3.00
CA SER A 60 13.05 5.16 3.72
C SER A 60 13.20 6.34 2.77
N ASP A 61 12.87 6.10 1.52
CA ASP A 61 12.82 7.14 0.50
C ASP A 61 12.01 6.63 -0.69
N VAL A 1 10.81 11.17 1.09
CA VAL A 1 9.94 10.23 0.33
C VAL A 1 9.39 9.16 1.26
N ARG A 2 8.34 8.49 0.83
CA ARG A 2 7.66 7.50 1.66
C ARG A 2 7.05 6.40 0.79
N ARG A 3 7.73 5.28 0.68
CA ARG A 3 7.25 4.18 -0.14
C ARG A 3 7.33 2.88 0.65
N VAL A 4 6.52 1.91 0.26
CA VAL A 4 6.52 0.60 0.89
C VAL A 4 6.59 -0.49 -0.18
N LYS A 5 7.19 -1.61 0.19
CA LYS A 5 7.33 -2.74 -0.72
C LYS A 5 6.55 -3.92 -0.19
N THR A 6 5.39 -4.18 -0.76
CA THR A 6 4.51 -5.23 -0.29
C THR A 6 5.24 -6.57 -0.20
N ILE A 7 5.07 -7.25 0.92
CA ILE A 7 5.73 -8.53 1.14
C ILE A 7 4.72 -9.65 1.35
N TYR A 8 3.44 -9.27 1.43
CA TYR A 8 2.36 -10.23 1.57
C TYR A 8 1.23 -9.91 0.58
N ASP A 9 0.61 -10.95 0.05
CA ASP A 9 -0.54 -10.80 -0.85
C ASP A 9 -1.71 -10.14 -0.13
N CYS A 10 -2.30 -9.13 -0.76
CA CYS A 10 -3.47 -8.46 -0.22
C CYS A 10 -4.54 -8.30 -1.28
N GLN A 11 -5.46 -9.24 -1.33
CA GLN A 11 -6.58 -9.18 -2.24
C GLN A 11 -7.77 -8.51 -1.56
N ALA A 12 -7.88 -7.21 -1.80
CA ALA A 12 -8.87 -6.35 -1.16
C ALA A 12 -10.30 -6.84 -1.36
N ASP A 13 -11.10 -6.69 -0.31
CA ASP A 13 -12.51 -7.03 -0.36
C ASP A 13 -13.32 -5.76 -0.55
N ASN A 14 -12.84 -4.68 0.03
CA ASN A 14 -13.46 -3.37 -0.14
C ASN A 14 -12.87 -2.65 -1.34
N ASP A 15 -13.59 -1.67 -1.85
CA ASP A 15 -13.10 -0.84 -2.95
C ASP A 15 -12.09 0.17 -2.44
N ASP A 16 -12.17 0.48 -1.15
CA ASP A 16 -11.26 1.44 -0.55
C ASP A 16 -9.95 0.76 -0.16
N GLU A 17 -10.00 -0.54 0.04
CA GLU A 17 -8.79 -1.32 0.29
C GLU A 17 -8.04 -1.50 -1.02
N LEU A 18 -6.73 -1.52 -0.95
CA LEU A 18 -5.93 -1.69 -2.16
C LEU A 18 -5.63 -3.17 -2.42
N THR A 19 -5.67 -3.54 -3.69
CA THR A 19 -5.34 -4.89 -4.09
C THR A 19 -3.93 -4.93 -4.66
N PHE A 20 -3.10 -5.76 -4.07
CA PHE A 20 -1.71 -5.88 -4.50
C PHE A 20 -1.16 -7.25 -4.15
N ILE A 21 -0.06 -7.62 -4.79
CA ILE A 21 0.64 -8.85 -4.46
C ILE A 21 2.05 -8.51 -3.98
N GLU A 22 2.72 -9.48 -3.39
CA GLU A 22 4.07 -9.27 -2.87
C GLU A 22 5.00 -8.80 -3.97
N GLY A 23 5.56 -7.61 -3.80
CA GLY A 23 6.50 -7.09 -4.76
C GLY A 23 6.02 -5.79 -5.39
N GLU A 24 4.84 -5.34 -5.00
CA GLU A 24 4.31 -4.07 -5.48
C GLU A 24 4.85 -2.92 -4.64
N VAL A 25 5.25 -1.85 -5.32
CA VAL A 25 5.70 -0.65 -4.65
C VAL A 25 4.52 0.29 -4.46
N ILE A 26 4.29 0.68 -3.23
CA ILE A 26 3.21 1.59 -2.93
C ILE A 26 3.77 2.89 -2.35
N ILE A 27 3.36 4.01 -2.90
CA ILE A 27 3.77 5.30 -2.37
C ILE A 27 2.73 5.76 -1.36
N VAL A 28 3.19 5.95 -0.13
CA VAL A 28 2.31 6.39 0.95
C VAL A 28 1.89 7.83 0.75
N THR A 29 0.60 8.04 0.51
CA THR A 29 0.06 9.37 0.28
C THR A 29 -0.77 9.82 1.47
N GLY A 30 -0.99 8.91 2.42
CA GLY A 30 -1.76 9.22 3.60
C GLY A 30 -1.62 8.16 4.67
N GLU A 31 -2.16 8.44 5.85
CA GLU A 31 -2.07 7.53 6.98
C GLU A 31 -3.37 7.53 7.76
N GLU A 32 -3.90 6.33 8.01
CA GLU A 32 -5.16 6.20 8.73
C GLU A 32 -4.91 5.74 10.15
N ASP A 33 -4.20 4.64 10.28
CA ASP A 33 -4.02 3.98 11.57
C ASP A 33 -2.57 3.56 11.73
N GLN A 34 -2.28 2.74 12.72
CA GLN A 34 -0.92 2.30 12.99
C GLN A 34 -0.47 1.33 11.92
N GLU A 35 -1.40 0.48 11.50
CA GLU A 35 -1.10 -0.58 10.57
C GLU A 35 -1.93 -0.46 9.31
N TRP A 36 -2.46 0.74 9.09
CA TRP A 36 -3.29 1.02 7.92
C TRP A 36 -3.01 2.39 7.37
N TRP A 37 -2.37 2.43 6.21
CA TRP A 37 -2.02 3.69 5.57
C TRP A 37 -2.78 3.83 4.25
N ILE A 38 -2.62 4.99 3.63
CA ILE A 38 -3.27 5.28 2.35
C ILE A 38 -2.19 5.60 1.32
N GLY A 39 -2.33 5.06 0.13
CA GLY A 39 -1.34 5.30 -0.89
C GLY A 39 -1.78 4.83 -2.25
N HIS A 40 -0.84 4.76 -3.17
CA HIS A 40 -1.13 4.34 -4.54
C HIS A 40 -0.09 3.33 -5.02
N ILE A 41 -0.47 2.50 -5.98
CA ILE A 41 0.47 1.57 -6.61
C ILE A 41 1.39 2.31 -7.58
N GLU A 42 2.68 2.05 -7.49
CA GLU A 42 3.64 2.61 -8.43
C GLU A 42 3.49 1.92 -9.78
N GLY A 43 3.45 2.71 -10.85
CA GLY A 43 3.23 2.15 -12.17
C GLY A 43 1.76 2.17 -12.54
N GLN A 44 0.91 1.98 -11.55
CA GLN A 44 -0.54 2.04 -11.73
C GLN A 44 -1.14 2.86 -10.59
N PRO A 45 -0.93 4.19 -10.62
CA PRO A 45 -1.24 5.09 -9.52
C PRO A 45 -2.73 5.31 -9.34
N GLU A 46 -3.53 4.75 -10.23
CA GLU A 46 -4.97 4.85 -10.12
C GLU A 46 -5.50 3.83 -9.12
N ARG A 47 -4.64 2.87 -8.78
CA ARG A 47 -4.95 1.93 -7.71
C ARG A 47 -4.50 2.52 -6.40
N LYS A 48 -5.42 3.16 -5.70
CA LYS A 48 -5.11 3.77 -4.42
C LYS A 48 -6.07 3.30 -3.35
N GLY A 49 -5.72 3.58 -2.10
CA GLY A 49 -6.60 3.26 -1.01
C GLY A 49 -5.83 2.91 0.25
N VAL A 50 -6.48 2.18 1.14
CA VAL A 50 -5.84 1.76 2.39
C VAL A 50 -5.13 0.44 2.20
N PHE A 51 -3.97 0.32 2.80
CA PHE A 51 -3.19 -0.90 2.76
C PHE A 51 -2.58 -1.19 4.12
N PRO A 52 -2.63 -2.45 4.55
CA PRO A 52 -2.06 -2.88 5.82
C PRO A 52 -0.54 -2.77 5.84
N VAL A 53 -0.03 -1.99 6.80
CA VAL A 53 1.40 -1.73 6.92
C VAL A 53 2.16 -3.02 7.26
N SER A 54 1.48 -3.92 7.95
CA SER A 54 2.06 -5.20 8.32
C SER A 54 2.36 -6.06 7.09
N PHE A 55 1.75 -5.69 5.97
CA PHE A 55 1.88 -6.45 4.74
C PHE A 55 2.92 -5.82 3.80
N VAL A 56 3.56 -4.74 4.25
CA VAL A 56 4.49 -4.03 3.39
C VAL A 56 5.85 -3.83 4.05
N HIS A 57 6.87 -3.62 3.23
CA HIS A 57 8.24 -3.41 3.70
C HIS A 57 8.68 -2.00 3.34
N ILE A 58 8.65 -1.10 4.31
CA ILE A 58 8.89 0.33 4.06
C ILE A 58 10.29 0.60 3.52
N LEU A 59 10.38 1.57 2.62
CA LEU A 59 11.64 1.95 2.01
C LEU A 59 12.17 3.23 2.63
N SER A 60 13.38 3.16 3.16
CA SER A 60 14.07 4.34 3.63
C SER A 60 15.03 4.82 2.54
N ASP A 61 14.64 4.55 1.30
CA ASP A 61 15.44 4.90 0.13
C ASP A 61 15.32 6.38 -0.17
N VAL A 1 6.50 11.12 0.61
CA VAL A 1 7.90 10.76 0.30
C VAL A 1 8.16 9.29 0.65
N ARG A 2 7.26 8.70 1.43
CA ARG A 2 7.44 7.34 1.93
C ARG A 2 6.99 6.31 0.90
N ARG A 3 7.77 5.27 0.74
CA ARG A 3 7.47 4.20 -0.19
C ARG A 3 7.53 2.87 0.53
N VAL A 4 6.72 1.92 0.10
CA VAL A 4 6.71 0.61 0.72
C VAL A 4 6.78 -0.51 -0.33
N LYS A 5 7.33 -1.65 0.08
CA LYS A 5 7.47 -2.80 -0.80
C LYS A 5 6.70 -3.97 -0.23
N THR A 6 5.56 -4.25 -0.83
CA THR A 6 4.66 -5.28 -0.33
C THR A 6 5.36 -6.64 -0.17
N ILE A 7 5.15 -7.28 0.98
CA ILE A 7 5.78 -8.56 1.28
C ILE A 7 4.73 -9.65 1.52
N TYR A 8 3.47 -9.27 1.30
CA TYR A 8 2.34 -10.20 1.40
C TYR A 8 1.28 -9.80 0.39
N ASP A 9 0.52 -10.77 -0.10
CA ASP A 9 -0.57 -10.49 -1.01
C ASP A 9 -1.77 -9.98 -0.23
N CYS A 10 -2.43 -8.95 -0.75
CA CYS A 10 -3.60 -8.40 -0.09
C CYS A 10 -4.74 -8.25 -1.09
N GLN A 11 -5.74 -9.10 -0.96
CA GLN A 11 -6.90 -9.05 -1.82
C GLN A 11 -7.99 -8.20 -1.16
N ALA A 12 -8.00 -6.92 -1.53
CA ALA A 12 -8.89 -5.92 -0.94
C ALA A 12 -10.29 -6.43 -0.69
N ASP A 13 -10.75 -6.28 0.55
CA ASP A 13 -12.11 -6.66 0.93
C ASP A 13 -13.00 -5.43 0.96
N ASN A 14 -12.39 -4.29 1.28
CA ASN A 14 -13.10 -3.02 1.26
C ASN A 14 -12.91 -2.31 -0.08
N ASP A 15 -13.92 -1.55 -0.48
CA ASP A 15 -13.89 -0.85 -1.77
C ASP A 15 -12.98 0.37 -1.70
N ASP A 16 -12.56 0.74 -0.49
CA ASP A 16 -11.61 1.83 -0.30
C ASP A 16 -10.23 1.25 0.01
N GLU A 17 -10.15 -0.07 -0.06
CA GLU A 17 -8.91 -0.79 0.18
C GLU A 17 -8.18 -0.98 -1.14
N LEU A 18 -6.94 -1.43 -1.07
CA LEU A 18 -6.15 -1.61 -2.27
C LEU A 18 -5.80 -3.08 -2.49
N THR A 19 -5.82 -3.49 -3.75
CA THR A 19 -5.43 -4.85 -4.11
C THR A 19 -4.03 -4.84 -4.67
N PHE A 20 -3.16 -5.64 -4.08
CA PHE A 20 -1.78 -5.72 -4.51
C PHE A 20 -1.22 -7.09 -4.20
N ILE A 21 -0.11 -7.43 -4.86
CA ILE A 21 0.61 -8.64 -4.57
C ILE A 21 2.00 -8.29 -4.06
N GLU A 22 2.60 -9.19 -3.31
CA GLU A 22 3.89 -8.92 -2.73
C GLU A 22 4.94 -8.75 -3.81
N GLY A 23 5.65 -7.63 -3.72
CA GLY A 23 6.64 -7.30 -4.70
C GLY A 23 6.32 -6.01 -5.43
N GLU A 24 5.14 -5.47 -5.16
CA GLU A 24 4.74 -4.21 -5.77
C GLU A 24 5.10 -3.03 -4.88
N VAL A 25 5.35 -1.89 -5.50
CA VAL A 25 5.70 -0.68 -4.77
C VAL A 25 4.47 0.17 -4.53
N ILE A 26 4.24 0.52 -3.29
CA ILE A 26 3.16 1.43 -2.95
C ILE A 26 3.73 2.70 -2.36
N ILE A 27 3.27 3.84 -2.84
CA ILE A 27 3.71 5.10 -2.29
C ILE A 27 2.69 5.59 -1.27
N VAL A 28 3.16 5.79 -0.04
CA VAL A 28 2.31 6.20 1.06
C VAL A 28 1.92 7.65 0.92
N THR A 29 0.65 7.90 0.66
CA THR A 29 0.17 9.24 0.42
C THR A 29 -0.65 9.77 1.60
N GLY A 30 -0.89 8.89 2.59
CA GLY A 30 -1.60 9.29 3.79
C GLY A 30 -1.60 8.18 4.83
N GLU A 31 -2.08 8.49 6.03
CA GLU A 31 -2.14 7.51 7.12
C GLU A 31 -3.49 7.59 7.81
N GLU A 32 -4.20 6.47 7.93
CA GLU A 32 -5.51 6.49 8.59
C GLU A 32 -5.47 5.70 9.89
N ASP A 33 -4.40 4.96 10.09
CA ASP A 33 -4.20 4.16 11.29
C ASP A 33 -2.71 3.87 11.44
N GLN A 34 -2.32 3.04 12.40
CA GLN A 34 -0.91 2.72 12.56
C GLN A 34 -0.50 1.62 11.57
N GLU A 35 -1.40 0.67 11.35
CA GLU A 35 -1.11 -0.42 10.44
C GLU A 35 -1.99 -0.34 9.20
N TRP A 36 -2.60 0.82 9.02
CA TRP A 36 -3.44 1.06 7.86
C TRP A 36 -3.19 2.44 7.28
N TRP A 37 -2.49 2.46 6.17
CA TRP A 37 -2.13 3.72 5.55
C TRP A 37 -2.83 3.85 4.21
N ILE A 38 -2.79 5.03 3.65
CA ILE A 38 -3.40 5.32 2.37
C ILE A 38 -2.32 5.62 1.37
N GLY A 39 -2.43 5.06 0.18
CA GLY A 39 -1.40 5.26 -0.81
C GLY A 39 -1.86 4.81 -2.18
N HIS A 40 -0.90 4.67 -3.07
CA HIS A 40 -1.20 4.28 -4.44
C HIS A 40 -0.13 3.32 -4.95
N ILE A 41 -0.53 2.41 -5.84
CA ILE A 41 0.41 1.53 -6.51
C ILE A 41 1.29 2.34 -7.46
N GLU A 42 2.60 2.22 -7.31
CA GLU A 42 3.53 2.90 -8.19
C GLU A 42 3.48 2.23 -9.57
N GLY A 43 3.33 3.04 -10.61
CA GLY A 43 3.10 2.51 -11.93
C GLY A 43 1.63 2.48 -12.29
N GLN A 44 0.78 2.34 -11.29
CA GLN A 44 -0.66 2.37 -11.50
C GLN A 44 -1.31 3.29 -10.47
N PRO A 45 -1.22 4.61 -10.70
CA PRO A 45 -1.64 5.62 -9.72
C PRO A 45 -3.15 5.65 -9.50
N GLU A 46 -3.90 4.96 -10.35
CA GLU A 46 -5.34 4.84 -10.18
C GLU A 46 -5.66 3.84 -9.08
N ARG A 47 -4.70 2.98 -8.81
CA ARG A 47 -4.84 1.97 -7.76
C ARG A 47 -4.42 2.55 -6.42
N LYS A 48 -5.35 3.18 -5.73
CA LYS A 48 -5.06 3.78 -4.44
C LYS A 48 -6.04 3.28 -3.39
N GLY A 49 -5.77 3.62 -2.14
CA GLY A 49 -6.65 3.25 -1.07
C GLY A 49 -5.88 2.93 0.18
N VAL A 50 -6.54 2.28 1.13
CA VAL A 50 -5.87 1.87 2.35
C VAL A 50 -5.24 0.50 2.20
N PHE A 51 -4.06 0.36 2.77
CA PHE A 51 -3.31 -0.88 2.71
C PHE A 51 -2.69 -1.18 4.05
N PRO A 52 -2.72 -2.45 4.47
CA PRO A 52 -2.15 -2.87 5.74
C PRO A 52 -0.62 -2.75 5.75
N VAL A 53 -0.13 -1.91 6.64
CA VAL A 53 1.30 -1.61 6.75
C VAL A 53 2.08 -2.85 7.17
N SER A 54 1.42 -3.73 7.89
CA SER A 54 2.03 -4.98 8.34
C SER A 54 2.37 -5.87 7.14
N PHE A 55 1.81 -5.54 5.98
CA PHE A 55 1.98 -6.35 4.78
C PHE A 55 3.00 -5.74 3.83
N VAL A 56 3.61 -4.63 4.22
CA VAL A 56 4.54 -3.94 3.34
C VAL A 56 5.89 -3.74 4.03
N HIS A 57 6.94 -3.58 3.21
CA HIS A 57 8.28 -3.35 3.73
C HIS A 57 8.73 -1.96 3.34
N ILE A 58 8.75 -1.04 4.30
CA ILE A 58 8.98 0.36 4.02
C ILE A 58 10.39 0.63 3.53
N LEU A 59 10.50 1.46 2.51
CA LEU A 59 11.79 1.81 1.93
C LEU A 59 12.38 2.99 2.66
N SER A 60 13.39 2.73 3.48
CA SER A 60 14.10 3.79 4.19
C SER A 60 15.22 4.35 3.32
N ASP A 61 15.04 4.21 2.01
CA ASP A 61 16.02 4.68 1.03
C ASP A 61 15.33 5.58 0.02
N VAL A 1 9.79 10.17 -1.24
CA VAL A 1 8.86 10.19 -0.08
C VAL A 1 8.56 8.76 0.37
N ARG A 2 7.64 8.62 1.32
CA ARG A 2 7.32 7.33 1.91
C ARG A 2 6.87 6.32 0.85
N ARG A 3 7.54 5.19 0.82
CA ARG A 3 7.17 4.09 -0.06
C ARG A 3 7.08 2.82 0.76
N VAL A 4 6.40 1.84 0.23
CA VAL A 4 6.32 0.53 0.84
C VAL A 4 6.34 -0.52 -0.27
N LYS A 5 6.97 -1.65 -0.02
CA LYS A 5 6.97 -2.74 -0.98
C LYS A 5 6.22 -3.92 -0.42
N THR A 6 5.13 -4.25 -1.06
CA THR A 6 4.26 -5.32 -0.62
C THR A 6 5.01 -6.64 -0.50
N ILE A 7 5.16 -7.11 0.74
CA ILE A 7 5.83 -8.38 1.00
C ILE A 7 4.80 -9.46 1.27
N TYR A 8 3.53 -9.08 1.14
CA TYR A 8 2.42 -10.01 1.28
C TYR A 8 1.39 -9.74 0.18
N ASP A 9 0.85 -10.81 -0.39
CA ASP A 9 -0.22 -10.72 -1.36
C ASP A 9 -1.51 -10.24 -0.69
N CYS A 10 -2.12 -9.21 -1.25
CA CYS A 10 -3.35 -8.67 -0.69
C CYS A 10 -4.42 -8.57 -1.76
N GLN A 11 -5.24 -9.60 -1.86
CA GLN A 11 -6.37 -9.59 -2.78
C GLN A 11 -7.59 -9.01 -2.06
N ALA A 12 -7.71 -7.69 -2.17
CA ALA A 12 -8.75 -6.92 -1.48
C ALA A 12 -10.15 -7.51 -1.72
N ASP A 13 -10.95 -7.46 -0.66
CA ASP A 13 -12.32 -7.96 -0.72
C ASP A 13 -13.27 -6.81 -1.00
N ASN A 14 -12.90 -5.64 -0.51
CA ASN A 14 -13.66 -4.42 -0.76
C ASN A 14 -12.81 -3.46 -1.58
N ASP A 15 -13.47 -2.62 -2.37
CA ASP A 15 -12.77 -1.71 -3.28
C ASP A 15 -12.19 -0.53 -2.50
N ASP A 16 -12.49 -0.47 -1.21
CA ASP A 16 -11.88 0.51 -0.30
C ASP A 16 -10.46 0.06 0.04
N GLU A 17 -10.28 -1.24 -0.03
CA GLU A 17 -8.98 -1.86 0.23
C GLU A 17 -8.19 -1.90 -1.07
N LEU A 18 -6.88 -1.78 -0.96
CA LEU A 18 -6.05 -1.84 -2.14
C LEU A 18 -5.74 -3.27 -2.52
N THR A 19 -5.79 -3.55 -3.81
CA THR A 19 -5.46 -4.86 -4.32
C THR A 19 -4.06 -4.85 -4.91
N PHE A 20 -3.22 -5.74 -4.43
CA PHE A 20 -1.85 -5.83 -4.90
C PHE A 20 -1.29 -7.21 -4.61
N ILE A 21 -0.19 -7.53 -5.26
CA ILE A 21 0.50 -8.79 -5.01
C ILE A 21 1.93 -8.50 -4.52
N GLU A 22 2.59 -9.50 -3.99
CA GLU A 22 3.95 -9.35 -3.50
C GLU A 22 4.86 -8.77 -4.57
N GLY A 23 5.44 -7.62 -4.28
CA GLY A 23 6.42 -7.04 -5.18
C GLY A 23 5.99 -5.68 -5.70
N GLU A 24 4.78 -5.27 -5.37
CA GLU A 24 4.28 -3.98 -5.79
C GLU A 24 4.79 -2.87 -4.89
N VAL A 25 5.32 -1.82 -5.49
CA VAL A 25 5.74 -0.67 -4.75
C VAL A 25 4.56 0.29 -4.60
N ILE A 26 4.34 0.73 -3.40
CA ILE A 26 3.25 1.66 -3.11
C ILE A 26 3.82 2.92 -2.50
N ILE A 27 3.36 4.07 -2.96
CA ILE A 27 3.76 5.33 -2.37
C ILE A 27 2.75 5.75 -1.34
N VAL A 28 3.21 5.88 -0.09
CA VAL A 28 2.33 6.29 0.99
C VAL A 28 1.99 7.76 0.83
N THR A 29 0.73 8.03 0.54
CA THR A 29 0.29 9.39 0.32
C THR A 29 -0.41 9.93 1.57
N GLY A 30 -0.86 9.03 2.42
CA GLY A 30 -1.48 9.42 3.67
C GLY A 30 -1.56 8.27 4.66
N GLU A 31 -2.05 8.55 5.86
CA GLU A 31 -2.22 7.53 6.89
C GLU A 31 -3.60 7.69 7.51
N GLU A 32 -4.28 6.58 7.75
CA GLU A 32 -5.62 6.64 8.35
C GLU A 32 -5.60 6.03 9.75
N ASP A 33 -4.73 5.05 9.92
CA ASP A 33 -4.60 4.35 11.18
C ASP A 33 -3.11 4.09 11.42
N GLN A 34 -2.77 3.45 12.52
CA GLN A 34 -1.37 3.18 12.82
C GLN A 34 -0.90 1.95 12.05
N GLU A 35 -1.85 1.06 11.74
CA GLU A 35 -1.54 -0.15 11.00
C GLU A 35 -2.22 -0.12 9.65
N TRP A 36 -2.78 1.03 9.31
CA TRP A 36 -3.51 1.20 8.05
C TRP A 36 -3.15 2.53 7.40
N TRP A 37 -2.44 2.44 6.29
CA TRP A 37 -2.01 3.63 5.57
C TRP A 37 -2.73 3.75 4.23
N ILE A 38 -2.63 4.92 3.64
CA ILE A 38 -3.30 5.23 2.39
C ILE A 38 -2.25 5.64 1.37
N GLY A 39 -2.40 5.16 0.16
CA GLY A 39 -1.46 5.51 -0.87
C GLY A 39 -1.89 5.02 -2.22
N HIS A 40 -0.93 4.90 -3.11
CA HIS A 40 -1.17 4.45 -4.46
C HIS A 40 0.01 3.63 -4.94
N ILE A 41 -0.24 2.66 -5.79
CA ILE A 41 0.83 1.85 -6.34
C ILE A 41 1.72 2.70 -7.24
N GLU A 42 3.01 2.71 -6.94
CA GLU A 42 3.99 3.48 -7.69
C GLU A 42 4.04 3.01 -9.14
N GLY A 43 3.71 3.93 -10.04
CA GLY A 43 3.66 3.59 -11.46
C GLY A 43 2.26 3.25 -11.92
N GLN A 44 1.42 2.83 -10.98
CA GLN A 44 0.03 2.51 -11.28
C GLN A 44 -0.90 3.33 -10.38
N PRO A 45 -1.16 4.59 -10.76
CA PRO A 45 -1.93 5.53 -9.95
C PRO A 45 -3.42 5.23 -9.93
N GLU A 46 -3.85 4.25 -10.73
CA GLU A 46 -5.25 3.83 -10.74
C GLU A 46 -5.49 2.80 -9.65
N ARG A 47 -4.44 2.51 -8.90
CA ARG A 47 -4.52 1.57 -7.78
C ARG A 47 -4.14 2.26 -6.49
N LYS A 48 -5.12 2.89 -5.85
CA LYS A 48 -4.89 3.51 -4.55
C LYS A 48 -5.79 2.85 -3.51
N GLY A 49 -5.66 3.28 -2.27
CA GLY A 49 -6.54 2.80 -1.24
C GLY A 49 -5.82 2.63 0.08
N VAL A 50 -6.39 1.85 0.99
CA VAL A 50 -5.75 1.58 2.26
C VAL A 50 -5.04 0.24 2.23
N PHE A 51 -3.90 0.18 2.91
CA PHE A 51 -3.10 -1.02 2.95
C PHE A 51 -2.53 -1.24 4.35
N PRO A 52 -2.63 -2.48 4.86
CA PRO A 52 -2.07 -2.85 6.15
C PRO A 52 -0.54 -2.74 6.15
N VAL A 53 -0.02 -1.98 7.09
CA VAL A 53 1.41 -1.67 7.15
C VAL A 53 2.25 -2.93 7.39
N SER A 54 1.67 -3.92 8.05
CA SER A 54 2.39 -5.15 8.37
C SER A 54 2.53 -6.04 7.13
N PHE A 55 1.85 -5.64 6.05
CA PHE A 55 1.90 -6.40 4.80
C PHE A 55 2.91 -5.82 3.83
N VAL A 56 3.58 -4.75 4.23
CA VAL A 56 4.49 -4.06 3.33
C VAL A 56 5.85 -3.80 3.97
N HIS A 57 6.86 -3.69 3.12
CA HIS A 57 8.23 -3.39 3.55
C HIS A 57 8.53 -1.94 3.23
N ILE A 58 8.58 -1.11 4.25
CA ILE A 58 8.66 0.34 4.08
C ILE A 58 10.03 0.77 3.55
N LEU A 59 10.01 1.80 2.68
CA LEU A 59 11.23 2.36 2.13
C LEU A 59 11.41 3.78 2.65
N SER A 60 12.58 4.06 3.17
CA SER A 60 12.88 5.39 3.68
C SER A 60 13.47 6.27 2.57
N ASP A 61 12.82 6.23 1.41
CA ASP A 61 13.27 7.02 0.25
C ASP A 61 12.64 8.40 0.24
N VAL A 1 9.80 10.78 0.15
CA VAL A 1 9.92 9.52 -0.61
C VAL A 1 9.45 8.33 0.25
N ARG A 2 8.28 8.48 0.84
CA ARG A 2 7.73 7.46 1.72
C ARG A 2 7.01 6.40 0.88
N ARG A 3 7.65 5.26 0.69
CA ARG A 3 7.06 4.20 -0.11
C ARG A 3 7.08 2.91 0.69
N VAL A 4 6.45 1.88 0.16
CA VAL A 4 6.41 0.58 0.79
C VAL A 4 6.52 -0.52 -0.27
N LYS A 5 7.15 -1.62 0.09
CA LYS A 5 7.31 -2.76 -0.80
C LYS A 5 6.50 -3.93 -0.27
N THR A 6 5.39 -4.20 -0.90
CA THR A 6 4.47 -5.24 -0.44
C THR A 6 5.19 -6.57 -0.29
N ILE A 7 5.13 -7.15 0.90
CA ILE A 7 5.77 -8.42 1.18
C ILE A 7 4.73 -9.53 1.33
N TYR A 8 3.46 -9.14 1.27
CA TYR A 8 2.35 -10.08 1.37
C TYR A 8 1.29 -9.78 0.32
N ASP A 9 0.57 -10.82 -0.09
CA ASP A 9 -0.55 -10.68 -1.01
C ASP A 9 -1.77 -10.11 -0.29
N CYS A 10 -2.28 -9.00 -0.79
CA CYS A 10 -3.46 -8.37 -0.19
C CYS A 10 -4.53 -8.18 -1.25
N GLN A 11 -5.53 -9.04 -1.21
CA GLN A 11 -6.64 -8.96 -2.14
C GLN A 11 -7.79 -8.19 -1.51
N ALA A 12 -7.83 -6.91 -1.82
CA ALA A 12 -8.86 -6.02 -1.30
C ALA A 12 -10.25 -6.48 -1.74
N ASP A 13 -11.16 -6.56 -0.77
CA ASP A 13 -12.55 -6.87 -1.07
C ASP A 13 -13.28 -5.61 -1.48
N ASN A 14 -12.83 -4.49 -0.94
CA ASN A 14 -13.41 -3.19 -1.25
C ASN A 14 -12.46 -2.39 -2.14
N ASP A 15 -13.03 -1.54 -3.00
CA ASP A 15 -12.22 -0.65 -3.84
C ASP A 15 -11.67 0.49 -3.00
N ASP A 16 -12.14 0.57 -1.76
CA ASP A 16 -11.62 1.54 -0.80
C ASP A 16 -10.27 1.07 -0.29
N GLU A 17 -10.05 -0.24 -0.41
CA GLU A 17 -8.80 -0.86 -0.03
C GLU A 17 -7.98 -1.12 -1.27
N LEU A 18 -6.68 -1.17 -1.14
CA LEU A 18 -5.84 -1.40 -2.30
C LEU A 18 -5.57 -2.87 -2.51
N THR A 19 -5.59 -3.27 -3.77
CA THR A 19 -5.28 -4.64 -4.15
C THR A 19 -3.85 -4.71 -4.67
N PHE A 20 -3.08 -5.64 -4.17
CA PHE A 20 -1.69 -5.81 -4.58
C PHE A 20 -1.19 -7.20 -4.25
N ILE A 21 -0.06 -7.57 -4.83
CA ILE A 21 0.58 -8.83 -4.52
C ILE A 21 2.02 -8.57 -4.07
N GLU A 22 2.66 -9.59 -3.51
CA GLU A 22 4.03 -9.46 -3.03
C GLU A 22 4.96 -8.96 -4.13
N GLY A 23 5.49 -7.76 -3.94
CA GLY A 23 6.45 -7.22 -4.87
C GLY A 23 5.99 -5.94 -5.53
N GLU A 24 4.85 -5.43 -5.11
CA GLU A 24 4.36 -4.15 -5.62
C GLU A 24 4.90 -3.00 -4.78
N VAL A 25 5.19 -1.91 -5.44
CA VAL A 25 5.67 -0.73 -4.76
C VAL A 25 4.54 0.28 -4.62
N ILE A 26 4.30 0.72 -3.41
CA ILE A 26 3.23 1.67 -3.13
C ILE A 26 3.83 2.94 -2.53
N ILE A 27 3.33 4.08 -2.95
CA ILE A 27 3.73 5.34 -2.34
C ILE A 27 2.75 5.69 -1.25
N VAL A 28 3.24 5.85 -0.04
CA VAL A 28 2.41 6.25 1.07
C VAL A 28 1.94 7.68 0.88
N THR A 29 0.66 7.84 0.57
CA THR A 29 0.10 9.13 0.24
C THR A 29 -0.88 9.59 1.31
N GLY A 30 -1.01 8.78 2.36
CA GLY A 30 -1.88 9.10 3.47
C GLY A 30 -1.71 8.12 4.62
N GLU A 31 -2.25 8.45 5.77
CA GLU A 31 -2.14 7.60 6.96
C GLU A 31 -3.44 7.59 7.75
N GLU A 32 -4.01 6.40 7.91
CA GLU A 32 -5.28 6.24 8.61
C GLU A 32 -5.05 5.87 10.06
N ASP A 33 -4.12 4.95 10.26
CA ASP A 33 -3.80 4.45 11.59
C ASP A 33 -2.32 4.10 11.63
N GLN A 34 -1.91 3.30 12.59
CA GLN A 34 -0.52 2.88 12.68
C GLN A 34 -0.28 1.67 11.79
N GLU A 35 -1.32 0.83 11.64
CA GLU A 35 -1.20 -0.36 10.82
C GLU A 35 -2.01 -0.23 9.55
N TRP A 36 -2.49 0.99 9.28
CA TRP A 36 -3.32 1.25 8.13
C TRP A 36 -2.94 2.57 7.48
N TRP A 37 -2.31 2.49 6.32
CA TRP A 37 -1.90 3.68 5.59
C TRP A 37 -2.64 3.76 4.27
N ILE A 38 -2.57 4.91 3.65
CA ILE A 38 -3.19 5.14 2.34
C ILE A 38 -2.09 5.40 1.34
N GLY A 39 -2.23 4.88 0.15
CA GLY A 39 -1.22 5.07 -0.84
C GLY A 39 -1.68 4.73 -2.23
N HIS A 40 -0.75 4.79 -3.16
CA HIS A 40 -1.03 4.49 -4.55
C HIS A 40 0.09 3.63 -5.12
N ILE A 41 -0.25 2.74 -6.04
CA ILE A 41 0.73 1.89 -6.70
C ILE A 41 1.65 2.72 -7.59
N GLU A 42 2.95 2.45 -7.51
CA GLU A 42 3.94 3.09 -8.38
C GLU A 42 3.55 2.94 -9.85
N GLY A 43 3.27 4.06 -10.50
CA GLY A 43 2.92 4.04 -11.90
C GLY A 43 1.42 4.03 -12.13
N GLN A 44 0.66 3.81 -11.07
CA GLN A 44 -0.80 3.80 -11.17
C GLN A 44 -1.43 4.62 -10.04
N PRO A 45 -1.67 5.92 -10.28
CA PRO A 45 -2.44 6.76 -9.36
C PRO A 45 -3.91 6.37 -9.36
N GLU A 46 -4.21 5.36 -10.17
CA GLU A 46 -5.53 4.76 -10.22
C GLU A 46 -5.68 3.72 -9.13
N ARG A 47 -4.60 3.01 -8.84
CA ARG A 47 -4.60 1.99 -7.80
C ARG A 47 -4.20 2.60 -6.47
N LYS A 48 -5.17 3.07 -5.72
CA LYS A 48 -4.89 3.67 -4.41
C LYS A 48 -5.82 3.10 -3.36
N GLY A 49 -5.59 3.48 -2.11
CA GLY A 49 -6.49 3.10 -1.06
C GLY A 49 -5.75 2.77 0.22
N VAL A 50 -6.45 2.16 1.16
CA VAL A 50 -5.83 1.76 2.42
C VAL A 50 -5.14 0.42 2.29
N PHE A 51 -4.02 0.29 2.98
CA PHE A 51 -3.26 -0.95 2.99
C PHE A 51 -2.63 -1.18 4.36
N PRO A 52 -2.74 -2.41 4.89
CA PRO A 52 -2.14 -2.78 6.17
C PRO A 52 -0.63 -2.73 6.11
N VAL A 53 -0.04 -1.97 7.02
CA VAL A 53 1.39 -1.70 7.03
C VAL A 53 2.20 -2.98 7.28
N SER A 54 1.59 -3.94 7.96
CA SER A 54 2.26 -5.20 8.26
C SER A 54 2.34 -6.10 7.02
N PHE A 55 1.74 -5.65 5.92
CA PHE A 55 1.76 -6.40 4.68
C PHE A 55 2.78 -5.81 3.70
N VAL A 56 3.46 -4.76 4.13
CA VAL A 56 4.40 -4.07 3.26
C VAL A 56 5.72 -3.81 3.98
N HIS A 57 6.78 -3.58 3.20
CA HIS A 57 8.10 -3.30 3.75
C HIS A 57 8.52 -1.89 3.35
N ILE A 58 8.52 -0.98 4.32
CA ILE A 58 8.67 0.44 4.04
C ILE A 58 10.02 0.81 3.46
N LEU A 59 10.01 1.75 2.52
CA LEU A 59 11.21 2.27 1.91
C LEU A 59 11.35 3.74 2.25
N SER A 60 12.55 4.15 2.62
CA SER A 60 12.85 5.56 2.74
C SER A 60 13.51 6.01 1.45
N ASP A 61 13.41 5.17 0.44
CA ASP A 61 13.98 5.42 -0.87
C ASP A 61 13.05 4.91 -1.96
#